data_3OMX
#
_entry.id   3OMX
#
_cell.length_a   157.616
_cell.length_b   102.309
_cell.length_c   65.816
_cell.angle_alpha   90.00
_cell.angle_beta   90.00
_cell.angle_gamma   90.00
#
_symmetry.space_group_name_H-M   'P 21 21 2'
#
loop_
_entity.id
_entity.type
_entity.pdbx_description
1 polymer CG14216
2 non-polymer 'VANADATE ION'
3 water water
#
_entity_poly.entity_id   1
_entity_poly.type   'polypeptide(L)'
_entity_poly.pdbx_seq_one_letter_code
;KLAVAVVCSSNMNRSMEAHNFLAKKGFNVRSYGTGERVKLPGMAFDKPNVYEFGTKYEDIYRDLESKDKEFYTQNGLLHM
LDRNRRIKKCPERFQDTKEQFDIIVTVEERVYDLVVMHMESMESVDNRPVHVLNVDVVDNAEDALMGAFVITDMINMMAK
STDLDNDIDELIQEFEERRKRVILHSVLFY
;
_entity_poly.pdbx_strand_id   A,B,C,D
#
loop_
_chem_comp.id
_chem_comp.type
_chem_comp.name
_chem_comp.formula
VO4 non-polymer 'VANADATE ION' 'O4 V -3'
#
# COMPACT_ATOMS: atom_id res chain seq x y z
N LYS A 1 6.72 18.48 -10.14
CA LYS A 1 5.58 17.57 -9.99
C LYS A 1 5.67 16.30 -10.95
N LEU A 2 5.16 15.16 -10.46
CA LEU A 2 5.07 14.00 -11.35
C LEU A 2 4.06 14.17 -12.37
N ALA A 3 4.39 13.61 -13.50
CA ALA A 3 3.51 13.60 -14.64
C ALA A 3 2.99 12.18 -14.64
N VAL A 4 1.69 11.98 -14.75
CA VAL A 4 1.16 10.67 -14.66
C VAL A 4 0.20 10.42 -15.75
N ALA A 5 0.12 9.17 -16.23
CA ALA A 5 -0.90 8.78 -17.21
C ALA A 5 -1.67 7.55 -16.64
N VAL A 6 -2.94 7.46 -16.91
CA VAL A 6 -3.74 6.43 -16.53
C VAL A 6 -4.38 5.92 -17.82
N VAL A 7 -4.44 4.57 -17.98
CA VAL A 7 -4.60 3.91 -19.28
C VAL A 7 -5.51 2.67 -19.13
N CYS A 8 -6.62 2.62 -19.82
CA CYS A 8 -7.48 1.53 -19.84
C CYS A 8 -7.57 1.04 -21.33
N SER A 9 -8.67 0.44 -21.72
CA SER A 9 -8.72 0.07 -23.12
C SER A 9 -9.34 1.14 -24.15
N SER A 10 -10.42 1.71 -23.71
CA SER A 10 -11.22 2.66 -24.46
C SER A 10 -11.11 4.21 -24.02
N ASN A 11 -10.61 4.56 -22.84
CA ASN A 11 -10.43 5.91 -22.32
C ASN A 11 -11.73 6.48 -22.14
N MET A 12 -12.63 5.64 -21.65
CA MET A 12 -13.99 6.07 -21.35
C MET A 12 -14.37 5.95 -19.89
N ASN A 13 -14.01 4.82 -19.25
CA ASN A 13 -14.52 4.57 -17.89
C ASN A 13 -13.42 4.62 -16.86
N ARG A 14 -12.65 3.52 -16.68
CA ARG A 14 -11.76 3.46 -15.60
C ARG A 14 -10.62 4.52 -15.70
N SER A 15 -10.11 4.72 -16.88
CA SER A 15 -9.04 5.66 -16.99
C SER A 15 -9.59 7.10 -16.74
N MET A 16 -10.83 7.37 -17.14
CA MET A 16 -11.40 8.70 -16.99
C MET A 16 -11.92 9.02 -15.51
N GLU A 17 -12.46 8.03 -14.79
CA GLU A 17 -12.73 8.23 -13.39
C GLU A 17 -11.46 8.51 -12.63
N ALA A 18 -10.37 7.85 -12.98
CA ALA A 18 -9.14 8.04 -12.26
C ALA A 18 -8.53 9.37 -12.67
N HIS A 19 -8.61 9.69 -13.96
CA HIS A 19 -8.21 10.99 -14.48
C HIS A 19 -8.80 12.11 -13.63
N ASN A 20 -10.12 12.09 -13.54
CA ASN A 20 -10.94 13.07 -12.77
C ASN A 20 -10.50 13.23 -11.29
N PHE A 21 -10.46 12.11 -10.67
CA PHE A 21 -9.99 12.05 -9.35
C PHE A 21 -8.51 12.44 -9.06
N LEU A 22 -7.61 12.02 -9.90
CA LEU A 22 -6.24 12.50 -9.69
C LEU A 22 -6.17 14.07 -9.96
N ALA A 23 -7.01 14.58 -10.84
CA ALA A 23 -6.82 15.98 -11.26
C ALA A 23 -7.41 16.85 -10.12
N LYS A 24 -8.58 16.45 -9.66
CA LYS A 24 -9.23 17.04 -8.48
C LYS A 24 -8.35 17.03 -7.23
N LYS A 25 -7.40 16.10 -7.10
CA LYS A 25 -6.43 16.24 -6.06
C LYS A 25 -5.21 16.99 -6.44
N GLY A 26 -5.18 17.70 -7.54
CA GLY A 26 -3.93 18.45 -7.80
C GLY A 26 -2.90 17.81 -8.67
N PHE A 27 -3.10 16.54 -9.11
CA PHE A 27 -2.03 15.88 -9.91
C PHE A 27 -2.00 16.27 -11.33
N ASN A 28 -0.83 16.22 -11.96
CA ASN A 28 -0.66 16.39 -13.41
C ASN A 28 -0.97 15.02 -14.11
N VAL A 29 -2.15 14.89 -14.71
CA VAL A 29 -2.59 13.60 -15.15
C VAL A 29 -3.20 13.67 -16.54
N ARG A 30 -2.95 12.63 -17.37
CA ARG A 30 -3.56 12.49 -18.71
C ARG A 30 -4.01 11.05 -18.70
N SER A 31 -4.94 10.76 -19.58
CA SER A 31 -5.43 9.48 -19.60
C SER A 31 -5.50 9.00 -21.09
N TYR A 32 -5.48 7.64 -21.37
CA TYR A 32 -5.44 6.98 -22.70
C TYR A 32 -6.08 5.58 -22.71
N GLY A 33 -6.21 5.02 -23.92
CA GLY A 33 -6.87 3.79 -24.31
C GLY A 33 -5.79 3.11 -25.12
N THR A 34 -5.76 1.80 -24.99
CA THR A 34 -4.78 1.03 -25.72
C THR A 34 -5.53 0.21 -26.77
N GLY A 35 -6.80 0.22 -26.81
CA GLY A 35 -7.48 -0.53 -27.88
C GLY A 35 -7.22 0.08 -29.28
N GLU A 36 -7.82 -0.49 -30.31
CA GLU A 36 -7.51 0.01 -31.64
C GLU A 36 -8.45 1.18 -31.84
N ARG A 37 -9.63 1.01 -31.22
CA ARG A 37 -10.79 1.86 -31.36
C ARG A 37 -11.46 1.89 -30.00
N VAL A 38 -12.44 2.74 -29.90
CA VAL A 38 -13.23 2.88 -28.74
C VAL A 38 -14.44 2.07 -28.90
N LYS A 39 -14.77 1.18 -27.97
CA LYS A 39 -16.08 0.56 -28.05
C LYS A 39 -16.97 0.63 -26.81
N LEU A 40 -18.26 0.61 -27.03
CA LEU A 40 -19.14 0.85 -25.96
C LEU A 40 -20.20 -0.13 -26.31
N PRO A 41 -20.77 -0.77 -25.32
CA PRO A 41 -21.70 -1.88 -25.59
C PRO A 41 -23.17 -1.45 -25.82
N GLY A 42 -23.99 -2.19 -26.60
CA GLY A 42 -25.45 -1.94 -26.62
C GLY A 42 -26.53 -3.00 -27.06
N MET A 43 -27.18 -3.65 -26.06
CA MET A 43 -28.01 -4.90 -26.15
C MET A 43 -26.99 -5.92 -26.49
N ALA A 44 -26.77 -6.83 -25.55
CA ALA A 44 -25.44 -7.42 -25.60
C ALA A 44 -25.34 -8.90 -26.04
N PHE A 45 -26.12 -9.15 -27.12
CA PHE A 45 -25.80 -10.06 -28.23
C PHE A 45 -25.73 -9.20 -29.47
N ASP A 46 -25.48 -7.90 -29.27
CA ASP A 46 -25.18 -6.98 -30.37
C ASP A 46 -23.78 -6.56 -30.59
N LYS A 47 -23.51 -6.16 -31.81
CA LYS A 47 -22.27 -5.51 -32.06
C LYS A 47 -22.27 -4.15 -31.38
N PRO A 48 -21.20 -3.91 -30.68
CA PRO A 48 -21.21 -2.73 -29.86
C PRO A 48 -20.88 -1.52 -30.75
N ASN A 49 -20.73 -0.37 -30.12
CA ASN A 49 -20.59 0.85 -30.86
C ASN A 49 -19.16 1.20 -30.92
N VAL A 50 -18.70 1.67 -32.07
CA VAL A 50 -17.32 1.80 -32.23
C VAL A 50 -17.02 3.15 -32.85
N TYR A 51 -15.93 3.78 -32.41
CA TYR A 51 -15.63 5.10 -32.87
C TYR A 51 -14.14 5.18 -32.81
N GLU A 52 -13.54 5.90 -33.72
CA GLU A 52 -12.11 6.08 -33.70
C GLU A 52 -11.68 6.95 -32.51
N PHE A 53 -10.51 6.74 -31.98
CA PHE A 53 -9.97 7.64 -30.98
C PHE A 53 -9.91 9.01 -31.68
N GLY A 54 -10.32 10.09 -31.02
CA GLY A 54 -10.14 11.43 -31.60
C GLY A 54 -11.53 11.93 -31.94
N THR A 55 -12.51 11.04 -32.03
CA THR A 55 -13.92 11.39 -31.93
C THR A 55 -14.28 12.05 -30.61
N LYS A 56 -15.05 13.10 -30.64
CA LYS A 56 -15.38 13.84 -29.46
C LYS A 56 -16.34 13.06 -28.57
N TYR A 57 -16.18 13.11 -27.25
CA TYR A 57 -17.14 12.53 -26.34
C TYR A 57 -18.51 13.07 -26.64
N GLU A 58 -18.61 14.39 -26.84
CA GLU A 58 -19.88 15.08 -27.16
C GLU A 58 -20.63 14.46 -28.33
N ASP A 59 -19.91 14.17 -29.41
CA ASP A 59 -20.55 13.56 -30.54
C ASP A 59 -20.95 12.11 -30.27
N ILE A 60 -20.16 11.40 -29.45
CA ILE A 60 -20.50 10.00 -29.13
C ILE A 60 -21.76 10.10 -28.34
N TYR A 61 -21.79 11.01 -27.39
CA TYR A 61 -23.02 11.10 -26.66
C TYR A 61 -24.21 11.31 -27.60
N ARG A 62 -23.97 12.10 -28.62
CA ARG A 62 -25.10 12.60 -29.36
C ARG A 62 -25.60 11.41 -30.17
N ASP A 63 -24.63 10.70 -30.77
CA ASP A 63 -24.85 9.45 -31.54
C ASP A 63 -25.61 8.34 -30.81
N LEU A 64 -25.46 8.24 -29.49
CA LEU A 64 -26.12 7.19 -28.69
C LEU A 64 -27.46 7.69 -28.19
N GLU A 65 -27.49 8.94 -27.76
CA GLU A 65 -28.80 9.48 -27.35
C GLU A 65 -29.79 9.46 -28.55
N SER A 66 -29.29 9.64 -29.78
CA SER A 66 -30.22 9.52 -30.91
C SER A 66 -30.42 8.07 -31.33
N LYS A 67 -29.76 7.13 -30.65
CA LYS A 67 -29.98 5.70 -30.99
C LYS A 67 -30.97 5.07 -30.06
N ASP A 68 -31.07 5.58 -28.84
CA ASP A 68 -31.98 5.02 -27.86
C ASP A 68 -31.56 5.72 -26.62
N LYS A 69 -31.91 7.00 -26.56
CA LYS A 69 -31.69 7.73 -25.37
C LYS A 69 -32.04 6.90 -24.12
N GLU A 70 -33.16 6.23 -24.03
CA GLU A 70 -33.43 5.53 -22.74
C GLU A 70 -32.46 4.40 -22.40
N PHE A 71 -32.03 3.72 -23.46
CA PHE A 71 -31.24 2.55 -23.22
C PHE A 71 -29.90 3.03 -22.72
N TYR A 72 -29.37 4.08 -23.35
CA TYR A 72 -28.04 4.49 -23.00
C TYR A 72 -28.03 5.37 -21.79
N THR A 73 -29.17 5.77 -21.30
CA THR A 73 -29.09 6.41 -20.01
C THR A 73 -29.24 5.35 -18.90
N GLN A 74 -30.00 4.30 -19.16
CA GLN A 74 -30.11 3.23 -18.16
C GLN A 74 -28.79 2.50 -17.82
N ASN A 75 -28.02 2.19 -18.84
CA ASN A 75 -26.77 1.49 -18.65
C ASN A 75 -25.60 2.50 -18.39
N GLY A 76 -25.97 3.79 -18.13
CA GLY A 76 -25.08 4.84 -17.63
C GLY A 76 -23.94 5.33 -18.51
N LEU A 77 -23.98 5.02 -19.82
CA LEU A 77 -22.99 5.59 -20.70
C LEU A 77 -23.23 7.11 -21.11
N LEU A 78 -24.47 7.60 -21.11
CA LEU A 78 -24.75 9.01 -21.42
C LEU A 78 -24.13 9.78 -20.25
N HIS A 79 -24.43 9.35 -19.03
CA HIS A 79 -23.83 9.93 -17.84
C HIS A 79 -22.31 9.96 -17.97
N MET A 80 -21.65 8.78 -18.03
CA MET A 80 -20.23 8.64 -18.33
C MET A 80 -19.70 9.63 -19.40
N LEU A 81 -20.40 9.76 -20.52
CA LEU A 81 -19.85 10.59 -21.59
C LEU A 81 -20.00 12.11 -21.26
N ASP A 82 -21.17 12.54 -20.81
CA ASP A 82 -21.33 13.81 -20.12
C ASP A 82 -20.18 14.14 -19.17
N ARG A 83 -19.82 13.22 -18.30
CA ARG A 83 -18.71 13.47 -17.38
C ARG A 83 -17.40 13.61 -18.12
N ASN A 84 -17.20 12.86 -19.22
CA ASN A 84 -15.90 12.90 -19.88
C ASN A 84 -15.66 14.20 -20.70
N ARG A 85 -16.71 14.60 -21.40
CA ARG A 85 -16.88 15.85 -22.17
C ARG A 85 -16.28 17.11 -21.42
N ARG A 86 -16.35 17.10 -20.11
CA ARG A 86 -15.99 18.15 -19.24
C ARG A 86 -14.55 18.09 -18.88
N ILE A 87 -13.85 17.02 -19.27
CA ILE A 87 -12.50 16.88 -18.83
C ILE A 87 -11.66 17.13 -20.05
N LYS A 88 -12.14 16.74 -21.20
CA LYS A 88 -11.25 16.80 -22.37
C LYS A 88 -11.98 16.53 -23.60
N LYS A 89 -11.44 16.96 -24.72
CA LYS A 89 -12.31 16.85 -25.90
C LYS A 89 -12.74 15.43 -26.33
N CYS A 90 -11.77 14.51 -26.28
CA CYS A 90 -11.97 13.19 -26.92
C CYS A 90 -11.12 12.01 -26.37
N PRO A 91 -11.59 10.76 -26.57
CA PRO A 91 -10.68 9.69 -26.15
C PRO A 91 -9.36 9.76 -26.92
N GLU A 92 -8.25 9.57 -26.24
CA GLU A 92 -6.95 9.51 -26.84
C GLU A 92 -6.23 8.14 -26.76
N ARG A 93 -5.37 7.85 -27.71
CA ARG A 93 -4.90 6.53 -27.80
C ARG A 93 -3.43 6.47 -27.49
N PHE A 94 -3.06 5.54 -26.59
CA PHE A 94 -1.81 5.64 -25.92
C PHE A 94 -0.68 5.40 -26.89
N GLN A 95 -0.87 4.49 -27.83
CA GLN A 95 0.20 4.20 -28.74
C GLN A 95 0.48 5.37 -29.72
N ASP A 96 -0.43 6.31 -29.86
CA ASP A 96 -0.11 7.58 -30.59
C ASP A 96 0.24 8.83 -29.80
N THR A 97 0.48 8.78 -28.49
CA THR A 97 0.80 10.02 -27.84
C THR A 97 2.29 10.14 -27.92
N LYS A 98 2.82 11.35 -27.76
CA LYS A 98 4.23 11.56 -27.63
C LYS A 98 4.44 12.28 -26.31
N GLU A 99 3.34 12.46 -25.55
CA GLU A 99 3.54 12.89 -24.19
C GLU A 99 4.47 11.88 -23.43
N GLN A 100 5.24 12.38 -22.50
CA GLN A 100 6.16 11.54 -21.70
C GLN A 100 5.75 11.63 -20.22
N PHE A 101 5.88 10.54 -19.44
CA PHE A 101 5.38 10.59 -18.06
C PHE A 101 6.36 10.06 -17.11
N ASP A 102 6.18 10.33 -15.81
CA ASP A 102 7.03 9.63 -14.86
C ASP A 102 6.40 8.17 -14.47
N ILE A 103 5.08 8.03 -14.56
CA ILE A 103 4.38 6.86 -14.10
C ILE A 103 3.24 6.75 -15.01
N ILE A 104 3.05 5.55 -15.56
CA ILE A 104 1.85 5.18 -16.31
C ILE A 104 1.18 4.02 -15.56
N VAL A 105 -0.11 4.14 -15.25
CA VAL A 105 -0.80 3.19 -14.45
C VAL A 105 -1.84 2.55 -15.40
N THR A 106 -1.80 1.21 -15.57
CA THR A 106 -2.73 0.45 -16.37
C THR A 106 -3.71 -0.23 -15.40
N VAL A 107 -4.93 -0.46 -15.80
CA VAL A 107 -5.93 -1.03 -14.98
C VAL A 107 -6.24 -2.53 -15.24
N GLU A 108 -5.47 -3.22 -16.06
CA GLU A 108 -5.63 -4.63 -16.32
C GLU A 108 -4.50 -5.12 -17.15
N GLU A 109 -4.26 -6.44 -17.08
CA GLU A 109 -3.05 -7.08 -17.61
C GLU A 109 -2.89 -6.92 -19.11
N ARG A 110 -3.99 -7.06 -19.86
CA ARG A 110 -3.92 -6.88 -21.30
C ARG A 110 -3.42 -5.50 -21.64
N VAL A 111 -3.95 -4.48 -20.93
CA VAL A 111 -3.48 -3.08 -21.13
C VAL A 111 -2.14 -2.99 -20.68
N TYR A 112 -1.81 -3.67 -19.57
CA TYR A 112 -0.38 -3.50 -19.11
C TYR A 112 0.59 -4.02 -20.20
N ASP A 113 0.30 -5.22 -20.83
CA ASP A 113 1.18 -5.81 -21.86
C ASP A 113 1.26 -4.96 -23.15
N LEU A 114 0.11 -4.45 -23.60
CA LEU A 114 0.07 -3.45 -24.69
C LEU A 114 0.91 -2.24 -24.35
N VAL A 115 0.75 -1.67 -23.16
CA VAL A 115 1.70 -0.55 -22.93
C VAL A 115 3.16 -0.89 -22.97
N VAL A 116 3.54 -1.90 -22.24
CA VAL A 116 4.99 -2.25 -22.16
C VAL A 116 5.51 -2.72 -23.53
N MET A 117 4.71 -3.48 -24.24
CA MET A 117 5.17 -3.84 -25.59
C MET A 117 5.38 -2.62 -26.48
N HIS A 118 4.40 -1.72 -26.46
CA HIS A 118 4.54 -0.51 -27.19
C HIS A 118 5.75 0.33 -26.93
N MET A 119 6.14 0.56 -25.69
CA MET A 119 7.33 1.35 -25.36
C MET A 119 8.67 0.64 -25.61
N GLU A 120 8.66 -0.68 -25.49
CA GLU A 120 9.84 -1.44 -25.78
C GLU A 120 10.17 -1.32 -27.28
N SER A 121 9.20 -1.65 -28.13
CA SER A 121 9.27 -1.35 -29.56
C SER A 121 9.53 0.13 -29.93
N MET A 122 9.89 1.02 -29.01
CA MET A 122 10.42 2.35 -29.43
C MET A 122 11.89 2.37 -29.23
N GLU A 123 12.52 3.50 -29.45
CA GLU A 123 13.65 3.80 -28.59
C GLU A 123 14.26 5.06 -29.00
N SER A 124 14.55 5.93 -28.02
CA SER A 124 15.37 7.15 -28.27
C SER A 124 16.49 7.35 -27.26
N VAL A 125 17.17 8.49 -27.35
CA VAL A 125 18.31 8.76 -26.48
C VAL A 125 17.97 9.84 -25.46
N ASP A 126 16.84 9.64 -24.80
CA ASP A 126 16.66 10.41 -23.59
C ASP A 126 17.27 9.53 -22.47
N ASN A 127 17.39 8.24 -22.75
CA ASN A 127 17.42 7.23 -21.69
C ASN A 127 16.73 7.64 -20.34
N ARG A 128 15.50 8.18 -20.41
CA ARG A 128 14.83 8.62 -19.19
C ARG A 128 13.74 7.55 -18.73
N PRO A 129 13.84 7.13 -17.50
CA PRO A 129 13.07 6.01 -16.95
C PRO A 129 11.68 6.45 -16.78
N VAL A 130 10.73 5.69 -17.34
CA VAL A 130 9.33 5.84 -16.96
C VAL A 130 8.86 4.53 -16.23
N HIS A 131 8.10 4.63 -15.10
CA HIS A 131 7.64 3.39 -14.40
C HIS A 131 6.23 3.00 -14.81
N VAL A 132 6.01 1.78 -15.30
CA VAL A 132 4.63 1.34 -15.68
C VAL A 132 4.16 0.42 -14.53
N LEU A 133 2.99 0.69 -13.97
CA LEU A 133 2.38 0.02 -12.88
C LEU A 133 1.02 -0.46 -13.27
N ASN A 134 0.68 -1.72 -12.94
CA ASN A 134 -0.66 -2.17 -13.16
C ASN A 134 -1.38 -2.26 -11.81
N VAL A 135 -2.53 -1.67 -11.76
CA VAL A 135 -3.36 -1.77 -10.65
C VAL A 135 -4.72 -2.23 -11.20
N ASP A 136 -5.12 -3.47 -10.89
CA ASP A 136 -6.37 -4.03 -11.45
C ASP A 136 -7.60 -3.31 -11.01
N VAL A 137 -8.42 -2.91 -11.97
CA VAL A 137 -9.72 -2.43 -11.66
C VAL A 137 -10.74 -3.00 -12.59
N VAL A 138 -11.89 -3.36 -12.02
CA VAL A 138 -12.88 -3.98 -12.83
C VAL A 138 -13.66 -2.93 -13.65
N ASP A 139 -14.08 -3.32 -14.82
CA ASP A 139 -14.67 -2.40 -15.71
C ASP A 139 -16.17 -2.21 -15.55
N ASN A 140 -16.61 -1.59 -14.46
CA ASN A 140 -17.94 -1.05 -14.38
C ASN A 140 -17.84 0.33 -13.57
N ALA A 141 -18.89 1.16 -13.52
CA ALA A 141 -18.85 2.50 -12.85
C ALA A 141 -18.44 2.49 -11.41
N GLU A 142 -18.86 1.46 -10.74
CA GLU A 142 -18.69 1.32 -9.31
C GLU A 142 -17.27 1.03 -8.95
N ASP A 143 -16.68 0.02 -9.55
CA ASP A 143 -15.29 -0.27 -9.35
C ASP A 143 -14.36 0.71 -9.96
N ALA A 144 -14.80 1.45 -10.98
CA ALA A 144 -13.97 2.53 -11.58
C ALA A 144 -13.74 3.59 -10.45
N LEU A 145 -14.73 3.87 -9.65
CA LEU A 145 -14.60 4.78 -8.53
C LEU A 145 -13.69 4.26 -7.48
N MET A 146 -13.90 3.02 -7.13
CA MET A 146 -13.05 2.43 -6.14
C MET A 146 -11.57 2.28 -6.53
N GLY A 147 -11.34 1.91 -7.78
CA GLY A 147 -10.04 1.86 -8.37
C GLY A 147 -9.50 3.28 -8.42
N ALA A 148 -10.28 4.29 -8.67
CA ALA A 148 -9.68 5.63 -8.69
C ALA A 148 -9.13 6.00 -7.34
N PHE A 149 -9.86 5.63 -6.26
CA PHE A 149 -9.29 5.78 -4.94
C PHE A 149 -7.96 5.08 -4.81
N VAL A 150 -7.89 3.80 -5.13
CA VAL A 150 -6.68 3.06 -4.80
C VAL A 150 -5.50 3.70 -5.63
N ILE A 151 -5.74 4.09 -6.87
CA ILE A 151 -4.70 4.65 -7.74
C ILE A 151 -4.20 5.99 -7.16
N THR A 152 -5.12 6.78 -6.71
CA THR A 152 -4.78 8.08 -6.20
C THR A 152 -3.99 7.98 -4.94
N ASP A 153 -4.41 7.11 -4.04
CA ASP A 153 -3.61 6.79 -2.89
C ASP A 153 -2.20 6.29 -3.20
N MET A 154 -2.01 5.38 -4.14
CA MET A 154 -0.66 5.04 -4.52
C MET A 154 0.20 6.23 -5.12
N ILE A 155 -0.36 6.99 -6.04
CA ILE A 155 0.41 8.13 -6.65
C ILE A 155 0.77 9.07 -5.52
N ASN A 156 -0.17 9.28 -4.64
CA ASN A 156 0.01 10.24 -3.58
C ASN A 156 1.17 9.82 -2.75
N MET A 157 1.32 8.51 -2.64
CA MET A 157 2.47 8.08 -1.92
C MET A 157 3.79 8.25 -2.72
N MET A 158 3.80 7.84 -3.98
CA MET A 158 5.00 8.05 -4.73
C MET A 158 5.47 9.52 -4.93
N ALA A 159 4.51 10.45 -4.90
CA ALA A 159 4.76 11.85 -5.18
C ALA A 159 5.55 12.42 -3.97
N LYS A 160 5.73 11.68 -2.86
CA LYS A 160 6.52 12.16 -1.71
C LYS A 160 7.99 11.97 -1.87
N SER A 161 8.36 11.17 -2.84
CA SER A 161 9.71 10.77 -2.99
C SER A 161 10.44 11.84 -3.77
N THR A 162 11.72 12.06 -3.46
CA THR A 162 12.56 13.02 -4.20
C THR A 162 13.60 12.19 -4.91
N ASP A 163 13.33 10.88 -5.02
CA ASP A 163 14.30 10.01 -5.68
C ASP A 163 13.61 8.77 -6.15
N LEU A 164 12.58 9.01 -6.94
CA LEU A 164 11.59 7.97 -7.18
C LEU A 164 12.22 6.70 -7.70
N ASP A 165 13.24 6.79 -8.54
CA ASP A 165 13.79 5.54 -9.11
C ASP A 165 14.38 4.59 -8.08
N ASN A 166 14.90 5.14 -7.00
CA ASN A 166 15.42 4.33 -5.94
C ASN A 166 14.48 4.04 -4.75
N ASP A 167 13.32 4.64 -4.70
CA ASP A 167 12.37 4.44 -3.65
C ASP A 167 11.25 3.48 -4.13
N ILE A 168 11.05 3.42 -5.44
CA ILE A 168 9.76 2.98 -5.97
C ILE A 168 9.54 1.52 -5.65
N ASP A 169 10.55 0.72 -5.74
CA ASP A 169 10.42 -0.69 -5.44
C ASP A 169 9.87 -1.04 -4.11
N GLU A 170 10.36 -0.27 -3.15
CA GLU A 170 10.02 -0.37 -1.77
C GLU A 170 8.71 0.22 -1.42
N LEU A 171 8.26 1.25 -2.14
CA LEU A 171 6.95 1.82 -1.93
C LEU A 171 5.87 0.88 -2.52
N ILE A 172 6.24 0.24 -3.59
CA ILE A 172 5.32 -0.69 -4.18
C ILE A 172 5.01 -1.82 -3.20
N GLN A 173 6.02 -2.39 -2.63
CA GLN A 173 5.83 -3.39 -1.59
C GLN A 173 5.02 -2.92 -0.37
N GLU A 174 5.23 -1.74 0.20
CA GLU A 174 4.47 -1.34 1.35
C GLU A 174 3.05 -1.27 0.96
N PHE A 175 2.83 -0.67 -0.20
CA PHE A 175 1.47 -0.45 -0.66
C PHE A 175 0.69 -1.78 -0.92
N GLU A 176 1.39 -2.74 -1.52
CA GLU A 176 0.85 -4.06 -1.82
C GLU A 176 0.43 -4.78 -0.55
N GLU A 177 1.30 -4.71 0.48
CA GLU A 177 0.99 -5.19 1.84
C GLU A 177 -0.21 -4.49 2.47
N ARG A 178 -0.37 -3.22 2.26
CA ARG A 178 -1.34 -2.56 3.00
C ARG A 178 -2.71 -2.61 2.26
N ARG A 179 -2.75 -2.79 0.95
CA ARG A 179 -4.01 -2.77 0.20
C ARG A 179 -4.35 -4.19 -0.23
N LYS A 180 -3.43 -5.11 0.00
CA LYS A 180 -3.55 -6.52 -0.35
C LYS A 180 -3.75 -6.83 -1.79
N ARG A 181 -2.81 -6.33 -2.61
CA ARG A 181 -2.92 -6.30 -4.05
C ARG A 181 -1.59 -6.62 -4.66
N VAL A 182 -1.65 -7.03 -5.91
CA VAL A 182 -0.48 -7.18 -6.68
C VAL A 182 -0.29 -5.98 -7.63
N ILE A 183 0.86 -5.30 -7.52
CA ILE A 183 1.15 -4.18 -8.47
C ILE A 183 2.22 -4.64 -9.46
N LEU A 184 1.90 -5.00 -10.71
CA LEU A 184 3.01 -5.24 -11.63
C LEU A 184 3.84 -3.99 -11.92
N HIS A 185 5.16 -4.15 -12.16
CA HIS A 185 6.03 -3.02 -12.34
C HIS A 185 7.05 -3.31 -13.41
N SER A 186 7.04 -2.41 -14.43
CA SER A 186 8.11 -2.35 -15.39
C SER A 186 8.85 -1.01 -15.44
N VAL A 187 10.17 -1.10 -15.61
CA VAL A 187 10.87 0.12 -15.97
C VAL A 187 11.25 0.12 -17.45
N LEU A 188 10.67 1.08 -18.16
CA LEU A 188 10.91 1.39 -19.56
C LEU A 188 11.70 2.73 -19.70
N PHE A 189 12.21 2.97 -20.91
CA PHE A 189 12.95 4.22 -21.21
C PHE A 189 12.45 4.97 -22.44
N TYR A 190 12.47 6.27 -22.32
CA TYR A 190 12.26 7.16 -23.45
C TYR A 190 13.67 7.56 -23.98
N LYS B 1 29.39 2.62 8.23
CA LYS B 1 27.98 3.05 8.38
C LYS B 1 27.80 4.00 9.63
N LEU B 2 26.88 4.94 9.57
CA LEU B 2 26.62 5.61 10.82
C LEU B 2 25.54 4.93 11.55
N ALA B 3 25.48 5.17 12.84
CA ALA B 3 24.51 4.47 13.64
C ALA B 3 23.49 5.58 13.96
N VAL B 4 22.24 5.35 13.60
CA VAL B 4 21.21 6.35 13.75
C VAL B 4 20.10 5.84 14.69
N ALA B 5 19.48 6.71 15.45
CA ALA B 5 18.34 6.37 16.29
C ALA B 5 17.20 7.35 15.89
N VAL B 6 15.97 6.86 15.90
CA VAL B 6 14.82 7.79 15.64
C VAL B 6 13.94 7.62 16.85
N VAL B 7 13.42 8.69 17.37
CA VAL B 7 12.79 8.67 18.65
C VAL B 7 11.45 9.43 18.59
N CYS B 8 10.36 8.85 19.08
CA CYS B 8 9.13 9.57 19.28
C CYS B 8 8.77 9.42 20.76
N SER B 9 7.47 9.49 21.07
CA SER B 9 7.02 9.28 22.45
C SER B 9 6.85 7.82 22.87
N SER B 10 6.17 7.01 22.06
CA SER B 10 5.92 5.59 22.34
C SER B 10 6.60 4.92 21.21
N ASN B 11 6.65 3.67 21.08
CA ASN B 11 7.67 3.62 19.92
C ASN B 11 6.89 2.83 18.87
N MET B 12 5.95 3.52 18.22
CA MET B 12 4.78 2.88 17.58
C MET B 12 4.56 3.35 16.16
N ASN B 13 4.40 4.63 16.00
CA ASN B 13 4.09 5.19 14.73
C ASN B 13 5.31 5.96 14.05
N ARG B 14 5.43 7.25 14.35
CA ARG B 14 6.48 8.10 13.66
C ARG B 14 7.92 7.48 13.71
N SER B 15 8.42 7.10 14.87
CA SER B 15 9.76 6.46 14.88
C SER B 15 9.77 5.15 14.15
N MET B 16 8.65 4.41 14.11
CA MET B 16 8.73 3.06 13.50
C MET B 16 8.65 3.20 12.02
N GLU B 17 7.92 4.20 11.53
CA GLU B 17 7.80 4.35 10.11
C GLU B 17 9.18 4.79 9.55
N ALA B 18 9.84 5.70 10.26
CA ALA B 18 11.21 6.14 9.83
C ALA B 18 12.20 5.01 9.99
N HIS B 19 12.09 4.29 11.07
CA HIS B 19 12.91 3.09 11.30
C HIS B 19 12.80 2.13 10.10
N ASN B 20 11.59 1.70 9.81
CA ASN B 20 11.39 0.83 8.64
C ASN B 20 12.10 1.33 7.34
N PHE B 21 11.82 2.55 7.00
CA PHE B 21 12.42 3.17 5.79
C PHE B 21 14.00 3.28 5.77
N LEU B 22 14.55 3.74 6.87
CA LEU B 22 15.99 3.71 7.12
C LEU B 22 16.63 2.32 7.05
N ALA B 23 16.05 1.34 7.70
CA ALA B 23 16.60 -0.02 7.66
C ALA B 23 16.61 -0.52 6.24
N LYS B 24 15.63 -0.18 5.42
CA LYS B 24 15.65 -0.74 4.06
C LYS B 24 16.69 -0.09 3.17
N LYS B 25 17.12 1.16 3.47
CA LYS B 25 18.19 1.74 2.69
C LYS B 25 19.52 1.20 3.24
N GLY B 26 19.53 0.20 4.10
CA GLY B 26 20.77 -0.25 4.71
C GLY B 26 21.36 0.51 5.90
N PHE B 27 20.68 1.45 6.56
CA PHE B 27 21.35 2.08 7.66
C PHE B 27 21.29 1.19 8.87
N ASN B 28 22.28 1.36 9.74
CA ASN B 28 22.28 0.81 11.07
C ASN B 28 21.35 1.71 11.89
N VAL B 29 20.12 1.24 12.10
CA VAL B 29 19.09 2.06 12.77
C VAL B 29 18.38 1.38 13.94
N ARG B 30 18.08 2.17 14.98
CA ARG B 30 17.25 1.72 16.11
C ARG B 30 16.21 2.76 16.35
N SER B 31 15.20 2.44 17.17
CA SER B 31 14.14 3.41 17.41
C SER B 31 13.62 3.26 18.79
N TYR B 32 13.13 4.36 19.40
CA TYR B 32 12.87 4.40 20.85
C TYR B 32 11.74 5.35 21.08
N GLY B 33 11.10 5.29 22.26
CA GLY B 33 10.19 6.37 22.65
C GLY B 33 10.71 6.99 23.92
N THR B 34 10.38 8.25 24.16
CA THR B 34 10.75 8.91 25.43
C THR B 34 9.62 9.02 26.51
N GLY B 35 8.39 8.69 26.15
CA GLY B 35 7.27 8.58 27.12
C GLY B 35 7.52 7.76 28.34
N GLU B 36 6.72 7.95 29.38
CA GLU B 36 6.79 7.00 30.50
C GLU B 36 6.23 5.67 30.05
N ARG B 37 5.25 5.68 29.14
CA ARG B 37 4.58 4.47 28.73
C ARG B 37 4.27 4.57 27.30
N VAL B 38 3.90 3.46 26.68
CA VAL B 38 3.51 3.37 25.29
C VAL B 38 2.00 3.66 25.28
N LYS B 39 1.57 4.60 24.44
CA LYS B 39 0.25 5.18 24.53
C LYS B 39 -0.38 5.14 23.16
N LEU B 40 -1.51 4.42 23.13
CA LEU B 40 -2.27 4.23 21.94
C LEU B 40 -3.63 4.90 22.02
N PRO B 41 -4.11 5.36 20.87
CA PRO B 41 -5.49 5.88 20.88
C PRO B 41 -6.51 4.76 21.20
N GLY B 42 -7.58 5.15 21.83
CA GLY B 42 -8.76 4.32 21.64
C GLY B 42 -10.09 4.83 22.06
N MET B 43 -11.10 4.55 21.31
CA MET B 43 -12.45 4.68 21.95
C MET B 43 -12.88 6.12 22.25
N ALA B 44 -12.33 6.72 23.31
CA ALA B 44 -12.35 8.21 23.39
C ALA B 44 -10.96 8.81 23.65
N PHE B 45 -10.82 10.05 23.17
CA PHE B 45 -9.55 10.70 23.15
C PHE B 45 -8.94 10.64 24.54
N ASP B 46 -9.76 10.45 25.57
CA ASP B 46 -9.33 10.63 26.97
C ASP B 46 -9.29 9.29 27.68
N LYS B 47 -9.58 8.20 26.99
CA LYS B 47 -8.98 6.99 27.49
C LYS B 47 -8.27 6.06 26.53
N PRO B 48 -6.99 6.36 26.37
CA PRO B 48 -6.09 5.59 25.53
C PRO B 48 -5.76 4.22 26.18
N ASN B 49 -5.25 3.37 25.31
CA ASN B 49 -4.67 2.15 25.71
C ASN B 49 -3.20 2.41 26.02
N VAL B 50 -2.79 2.02 27.21
CA VAL B 50 -1.53 2.30 27.81
C VAL B 50 -0.73 1.07 28.20
N TYR B 51 0.57 1.04 27.88
CA TYR B 51 1.33 -0.15 28.16
C TYR B 51 2.70 0.22 28.65
N GLU B 52 3.35 -0.69 29.37
CA GLU B 52 4.79 -0.61 29.69
C GLU B 52 5.69 -0.84 28.51
N PHE B 53 6.77 -0.07 28.36
CA PHE B 53 7.86 -0.36 27.41
C PHE B 53 8.24 -1.80 27.61
N GLY B 54 8.63 -2.54 26.56
CA GLY B 54 8.84 -4.03 26.67
C GLY B 54 7.64 -4.98 26.46
N THR B 55 6.41 -4.45 26.46
CA THR B 55 5.26 -5.30 26.08
C THR B 55 5.40 -5.66 24.58
N LYS B 56 5.45 -6.96 24.19
CA LYS B 56 5.50 -7.30 22.78
C LYS B 56 4.41 -6.66 21.97
N TYR B 57 4.79 -6.24 20.76
CA TYR B 57 3.83 -5.71 19.81
C TYR B 57 2.71 -6.70 19.60
N GLU B 58 3.01 -7.97 19.67
CA GLU B 58 2.00 -9.07 19.36
C GLU B 58 1.09 -9.14 20.55
N ASP B 59 1.56 -8.78 21.72
CA ASP B 59 0.67 -8.85 22.83
C ASP B 59 -0.26 -7.74 22.86
N ILE B 60 0.15 -6.56 22.33
CA ILE B 60 -0.70 -5.38 22.41
C ILE B 60 -1.82 -5.64 21.39
N TYR B 61 -1.44 -6.29 20.33
CA TYR B 61 -2.26 -6.45 19.17
C TYR B 61 -3.41 -7.43 19.60
N ARG B 62 -3.04 -8.57 20.14
CA ARG B 62 -4.09 -9.49 20.63
C ARG B 62 -4.93 -8.85 21.76
N ASP B 63 -4.36 -7.99 22.61
CA ASP B 63 -5.17 -7.24 23.60
C ASP B 63 -6.28 -6.36 22.98
N LEU B 64 -5.94 -5.66 21.90
CA LEU B 64 -6.88 -4.80 21.19
C LEU B 64 -7.86 -5.65 20.38
N GLU B 65 -7.33 -6.72 19.79
CA GLU B 65 -8.13 -7.60 19.01
C GLU B 65 -9.23 -8.08 19.96
N SER B 66 -8.93 -8.18 21.24
CA SER B 66 -9.94 -8.74 22.10
C SER B 66 -10.75 -7.62 22.63
N LYS B 67 -10.20 -6.41 22.72
CA LYS B 67 -11.13 -5.37 23.17
C LYS B 67 -12.16 -5.01 22.07
N ASP B 68 -11.82 -5.19 20.78
CA ASP B 68 -12.69 -4.65 19.73
C ASP B 68 -12.07 -4.67 18.35
N LYS B 69 -12.05 -5.83 17.76
CA LYS B 69 -11.42 -5.95 16.51
C LYS B 69 -11.72 -4.81 15.51
N GLU B 70 -12.97 -4.39 15.30
CA GLU B 70 -13.30 -3.55 14.13
C GLU B 70 -12.74 -2.19 14.37
N PHE B 71 -12.86 -1.77 15.61
CA PHE B 71 -12.48 -0.45 15.89
C PHE B 71 -10.95 -0.20 15.70
N TYR B 72 -10.16 -1.27 15.77
CA TYR B 72 -8.73 -1.12 15.91
C TYR B 72 -8.23 -1.64 14.61
N THR B 73 -9.12 -2.29 13.87
CA THR B 73 -8.70 -2.42 12.51
C THR B 73 -8.91 -1.12 11.72
N GLN B 74 -10.02 -0.48 11.96
CA GLN B 74 -10.39 0.63 11.11
C GLN B 74 -9.60 1.87 11.44
N ASN B 75 -9.16 2.05 12.68
CA ASN B 75 -8.34 3.22 12.96
C ASN B 75 -6.79 2.90 12.70
N GLY B 76 -6.49 1.81 12.00
CA GLY B 76 -5.13 1.58 11.61
C GLY B 76 -4.20 0.98 12.65
N LEU B 77 -4.58 1.00 13.93
CA LEU B 77 -3.74 0.43 14.94
C LEU B 77 -3.28 -1.01 14.66
N LEU B 78 -4.10 -1.84 14.07
CA LEU B 78 -3.65 -3.19 14.09
C LEU B 78 -2.72 -3.33 12.87
N HIS B 79 -3.02 -2.65 11.77
CA HIS B 79 -2.05 -2.65 10.64
C HIS B 79 -0.62 -2.12 11.17
N MET B 80 -0.63 -1.11 12.04
CA MET B 80 0.55 -0.54 12.58
C MET B 80 1.30 -1.55 13.37
N LEU B 81 0.57 -2.27 14.24
CA LEU B 81 1.22 -3.18 15.23
C LEU B 81 1.87 -4.29 14.45
N ASP B 82 1.27 -4.60 13.36
CA ASP B 82 1.72 -5.77 12.63
C ASP B 82 2.88 -5.33 11.76
N ARG B 83 2.78 -4.10 11.23
CA ARG B 83 3.98 -3.45 10.66
C ARG B 83 5.14 -3.44 11.73
N ASN B 84 4.86 -2.98 12.97
CA ASN B 84 5.88 -3.00 13.99
C ASN B 84 6.57 -4.30 14.37
N ARG B 85 5.78 -5.38 14.50
CA ARG B 85 6.25 -6.70 14.76
C ARG B 85 7.13 -7.27 13.71
N ARG B 86 6.89 -7.01 12.44
CA ARG B 86 7.88 -7.42 11.43
C ARG B 86 9.34 -6.71 11.66
N ILE B 87 9.41 -5.50 12.23
CA ILE B 87 10.69 -4.80 12.50
C ILE B 87 11.47 -5.34 13.73
N LYS B 88 10.78 -5.56 14.85
CA LYS B 88 11.42 -5.62 16.16
C LYS B 88 10.32 -6.31 17.00
N LYS B 89 10.61 -6.78 18.18
CA LYS B 89 9.57 -7.35 19.01
C LYS B 89 8.77 -6.45 19.95
N CYS B 90 9.38 -5.35 20.38
CA CYS B 90 8.70 -4.45 21.30
C CYS B 90 9.24 -3.05 21.30
N PRO B 91 8.41 -2.11 21.69
CA PRO B 91 8.77 -0.72 21.88
C PRO B 91 9.85 -0.66 22.92
N GLU B 92 10.82 0.27 22.75
CA GLU B 92 11.93 0.45 23.75
C GLU B 92 11.96 1.89 24.16
N ARG B 93 12.24 2.09 25.43
CA ARG B 93 12.29 3.41 25.92
C ARG B 93 13.76 4.01 25.85
N PHE B 94 13.85 5.25 25.38
CA PHE B 94 15.17 5.87 25.10
C PHE B 94 15.98 5.93 26.36
N GLN B 95 15.36 6.39 27.40
CA GLN B 95 16.04 6.57 28.66
C GLN B 95 16.65 5.32 29.22
N ASP B 96 16.20 4.14 28.77
CA ASP B 96 16.79 2.87 29.27
C ASP B 96 17.84 2.13 28.38
N THR B 97 18.17 2.67 27.21
CA THR B 97 19.08 1.94 26.35
C THR B 97 20.51 2.39 26.70
N LYS B 98 21.45 1.59 26.24
CA LYS B 98 22.90 1.83 26.46
C LYS B 98 23.63 1.91 25.13
N GLU B 99 22.90 1.73 24.04
CA GLU B 99 23.42 2.01 22.72
C GLU B 99 23.79 3.45 22.53
N GLN B 100 24.66 3.58 21.53
CA GLN B 100 25.22 4.87 21.16
C GLN B 100 25.12 5.00 19.71
N PHE B 101 24.79 6.25 19.31
CA PHE B 101 24.52 6.57 17.92
C PHE B 101 25.46 7.67 17.53
N ASP B 102 25.67 7.84 16.26
CA ASP B 102 26.21 9.09 15.75
C ASP B 102 25.18 10.20 15.54
N ILE B 103 23.95 9.83 15.13
CA ILE B 103 22.84 10.77 15.04
C ILE B 103 21.57 10.24 15.72
N ILE B 104 20.85 11.10 16.44
CA ILE B 104 19.63 10.78 17.04
C ILE B 104 18.67 11.79 16.49
N VAL B 105 17.56 11.36 15.93
CA VAL B 105 16.63 12.27 15.34
C VAL B 105 15.32 12.19 16.12
N THR B 106 14.69 13.27 16.49
CA THR B 106 13.49 13.20 17.29
C THR B 106 12.45 13.87 16.39
N VAL B 107 11.16 13.61 16.65
CA VAL B 107 10.05 14.03 15.72
C VAL B 107 9.14 15.08 16.23
N GLU B 108 9.50 15.56 17.42
CA GLU B 108 8.90 16.77 17.91
C GLU B 108 9.66 17.31 19.10
N GLU B 109 9.46 18.60 19.36
CA GLU B 109 10.32 19.34 20.27
C GLU B 109 10.30 18.79 21.70
N ARG B 110 9.16 18.38 22.23
CA ARG B 110 9.10 17.73 23.52
C ARG B 110 10.00 16.49 23.63
N VAL B 111 10.06 15.73 22.58
CA VAL B 111 10.87 14.55 22.55
C VAL B 111 12.38 14.93 22.55
N TYR B 112 12.68 15.91 21.72
CA TYR B 112 13.96 16.49 21.58
C TYR B 112 14.50 16.88 22.94
N ASP B 113 13.68 17.58 23.72
CA ASP B 113 14.15 18.09 25.05
C ASP B 113 14.29 16.97 25.99
N LEU B 114 13.37 16.03 25.90
CA LEU B 114 13.52 14.87 26.77
C LEU B 114 14.81 14.07 26.51
N VAL B 115 15.09 13.87 25.23
CA VAL B 115 16.31 13.18 24.84
C VAL B 115 17.58 14.00 25.33
N VAL B 116 17.59 15.31 25.14
CA VAL B 116 18.82 16.07 25.49
C VAL B 116 19.06 16.06 26.98
N MET B 117 18.03 16.34 27.74
CA MET B 117 18.11 16.19 29.16
C MET B 117 18.53 14.81 29.60
N HIS B 118 18.08 13.76 28.93
CA HIS B 118 18.52 12.48 29.43
C HIS B 118 20.01 12.34 29.30
N MET B 119 20.55 12.66 28.16
CA MET B 119 21.98 12.43 27.89
C MET B 119 22.94 13.33 28.70
N GLU B 120 22.42 14.48 29.04
CA GLU B 120 23.05 15.45 29.93
C GLU B 120 22.90 15.22 31.45
N SER B 121 21.94 14.39 31.82
CA SER B 121 21.83 13.84 33.16
C SER B 121 22.93 12.82 33.41
N MET B 122 23.53 12.26 32.36
CA MET B 122 24.54 11.20 32.57
C MET B 122 25.82 11.98 32.56
N GLU B 123 26.95 11.32 32.55
CA GLU B 123 28.06 12.12 32.14
C GLU B 123 29.13 11.45 31.38
N SER B 124 29.86 12.32 30.69
CA SER B 124 30.53 11.91 29.50
C SER B 124 31.77 11.06 29.75
N VAL B 125 32.12 10.11 28.89
CA VAL B 125 33.38 9.41 29.03
C VAL B 125 34.12 8.61 27.94
N ASP B 126 33.88 8.80 26.64
CA ASP B 126 34.74 8.23 25.54
C ASP B 126 34.93 9.51 24.77
N ASN B 127 34.33 10.49 25.42
CA ASN B 127 34.01 11.68 24.73
C ASN B 127 33.62 11.51 23.22
N ARG B 128 32.78 10.50 22.88
CA ARG B 128 32.34 10.46 21.49
C ARG B 128 31.14 11.35 21.36
N PRO B 129 31.17 12.23 20.34
CA PRO B 129 30.20 13.26 20.08
C PRO B 129 29.00 12.62 19.33
N VAL B 130 27.84 13.23 19.45
CA VAL B 130 26.65 12.65 18.83
C VAL B 130 25.77 13.81 18.55
N HIS B 131 25.21 13.85 17.38
CA HIS B 131 24.29 14.93 17.06
C HIS B 131 22.86 14.58 17.31
N VAL B 132 22.17 15.48 17.97
CA VAL B 132 20.78 15.28 18.14
C VAL B 132 19.99 16.28 17.30
N LEU B 133 19.12 15.79 16.38
CA LEU B 133 18.30 16.63 15.54
C LEU B 133 16.80 16.51 15.75
N ASN B 134 16.09 17.60 15.61
CA ASN B 134 14.66 17.60 15.60
C ASN B 134 14.06 17.97 14.26
N VAL B 135 13.32 17.05 13.67
CA VAL B 135 12.42 17.23 12.55
C VAL B 135 10.93 17.02 13.03
N ASP B 136 10.07 17.96 12.78
CA ASP B 136 8.80 17.91 13.41
C ASP B 136 7.90 17.01 12.53
N VAL B 137 7.40 15.94 13.12
CA VAL B 137 6.39 15.11 12.42
C VAL B 137 5.13 14.92 13.23
N VAL B 138 4.05 15.18 12.53
CA VAL B 138 2.71 15.03 13.04
C VAL B 138 2.42 13.55 13.35
N ASP B 139 1.82 13.34 14.48
CA ASP B 139 1.46 12.02 14.83
C ASP B 139 0.19 11.49 14.17
N ASN B 140 0.31 11.07 12.92
CA ASN B 140 -0.70 10.26 12.27
C ASN B 140 0.02 9.50 11.18
N ALA B 141 -0.67 8.60 10.55
CA ALA B 141 0.00 7.68 9.66
C ALA B 141 0.47 8.33 8.34
N GLU B 142 -0.24 9.32 7.87
CA GLU B 142 0.22 9.99 6.70
C GLU B 142 1.43 10.90 6.90
N ASP B 143 1.35 11.75 7.90
CA ASP B 143 2.51 12.60 8.11
C ASP B 143 3.70 11.70 8.57
N ALA B 144 3.43 10.53 9.21
CA ALA B 144 4.49 9.66 9.64
C ALA B 144 5.25 9.21 8.43
N LEU B 145 4.52 8.98 7.37
CA LEU B 145 5.20 8.50 6.16
C LEU B 145 5.99 9.66 5.47
N MET B 146 5.42 10.87 5.45
CA MET B 146 6.17 12.01 5.02
C MET B 146 7.42 12.25 5.90
N GLY B 147 7.25 12.13 7.21
CA GLY B 147 8.37 12.19 8.12
C GLY B 147 9.43 11.14 7.80
N ALA B 148 9.07 9.88 7.49
CA ALA B 148 10.09 8.95 7.06
C ALA B 148 10.92 9.43 5.84
N PHE B 149 10.28 10.08 4.91
CA PHE B 149 10.97 10.46 3.70
C PHE B 149 11.92 11.63 4.09
N VAL B 150 11.43 12.58 4.88
CA VAL B 150 12.21 13.78 5.15
C VAL B 150 13.42 13.34 5.90
N ILE B 151 13.22 12.43 6.85
CA ILE B 151 14.34 12.04 7.69
C ILE B 151 15.36 11.15 6.99
N THR B 152 14.90 10.34 6.08
CA THR B 152 15.81 9.60 5.36
C THR B 152 16.58 10.48 4.37
N ASP B 153 15.92 11.41 3.70
CA ASP B 153 16.63 12.39 2.86
C ASP B 153 17.78 13.03 3.70
N MET B 154 17.43 13.47 4.90
CA MET B 154 18.37 14.10 5.74
C MET B 154 19.56 13.22 6.17
N ILE B 155 19.26 12.05 6.73
CA ILE B 155 20.33 11.11 7.09
C ILE B 155 21.27 10.83 5.97
N ASN B 156 20.64 10.65 4.86
CA ASN B 156 21.29 10.26 3.67
C ASN B 156 22.33 11.34 3.34
N MET B 157 21.88 12.58 3.37
CA MET B 157 22.72 13.70 3.09
C MET B 157 23.86 13.71 4.14
N MET B 158 23.56 13.56 5.40
CA MET B 158 24.65 13.42 6.34
C MET B 158 25.61 12.31 6.11
N ALA B 159 25.11 11.20 5.55
CA ALA B 159 26.01 10.06 5.39
C ALA B 159 27.01 10.23 4.29
N LYS B 160 26.78 11.15 3.36
CA LYS B 160 27.82 11.43 2.36
C LYS B 160 29.04 12.25 2.95
N SER B 161 28.85 12.91 4.07
CA SER B 161 29.87 13.74 4.56
C SER B 161 30.97 12.88 5.14
N THR B 162 32.20 13.12 4.66
CA THR B 162 33.40 12.61 5.29
C THR B 162 33.95 13.48 6.47
N ASP B 163 33.31 14.60 6.81
CA ASP B 163 33.66 15.19 8.06
C ASP B 163 32.51 15.88 8.79
N LEU B 164 31.73 15.04 9.41
CA LEU B 164 30.37 15.45 9.75
C LEU B 164 30.41 16.48 10.88
N ASP B 165 31.32 16.27 11.84
CA ASP B 165 31.49 17.25 12.89
C ASP B 165 31.84 18.66 12.37
N ASN B 166 32.44 18.77 11.22
CA ASN B 166 32.54 20.12 10.63
C ASN B 166 31.42 20.51 9.70
N ASP B 167 30.86 19.56 8.95
CA ASP B 167 29.85 19.97 7.95
C ASP B 167 28.49 20.13 8.51
N ILE B 168 28.29 19.61 9.71
CA ILE B 168 26.91 19.35 10.09
C ILE B 168 26.13 20.66 10.09
N ASP B 169 26.68 21.74 10.67
CA ASP B 169 25.99 23.09 10.69
C ASP B 169 25.51 23.62 9.32
N GLU B 170 26.32 23.33 8.33
CA GLU B 170 26.08 23.75 6.97
C GLU B 170 25.14 22.83 6.18
N LEU B 171 25.23 21.51 6.39
CA LEU B 171 24.21 20.66 5.73
C LEU B 171 22.83 20.95 6.25
N ILE B 172 22.78 21.24 7.51
CA ILE B 172 21.49 21.56 8.08
C ILE B 172 20.87 22.81 7.52
N GLN B 173 21.72 23.81 7.35
CA GLN B 173 21.29 24.99 6.67
C GLN B 173 20.75 24.73 5.30
N GLU B 174 21.47 23.98 4.46
CA GLU B 174 20.90 23.80 3.16
C GLU B 174 19.59 22.99 3.16
N PHE B 175 19.53 22.00 4.06
CA PHE B 175 18.39 21.12 4.19
C PHE B 175 17.18 21.90 4.61
N GLU B 176 17.39 22.71 5.64
CA GLU B 176 16.30 23.48 6.22
C GLU B 176 15.75 24.45 5.22
N GLU B 177 16.58 24.82 4.27
CA GLU B 177 16.22 25.78 3.22
C GLU B 177 15.54 25.11 2.03
N ARG B 178 16.02 23.93 1.71
CA ARG B 178 15.49 23.22 0.61
C ARG B 178 14.14 22.49 0.94
N ARG B 179 13.85 22.31 2.22
CA ARG B 179 12.66 21.57 2.69
C ARG B 179 11.79 22.49 3.51
N LYS B 180 12.25 23.73 3.65
CA LYS B 180 11.47 24.73 4.33
C LYS B 180 11.00 24.19 5.64
N ARG B 181 11.91 23.52 6.33
CA ARG B 181 11.64 23.06 7.70
C ARG B 181 12.66 23.65 8.67
N VAL B 182 12.29 23.76 9.95
CA VAL B 182 13.28 24.03 11.00
C VAL B 182 13.77 22.75 11.68
N ILE B 183 15.08 22.68 11.90
CA ILE B 183 15.74 21.45 12.42
C ILE B 183 16.50 21.80 13.70
N LEU B 184 16.01 21.46 14.87
CA LEU B 184 16.76 21.82 16.04
C LEU B 184 18.03 20.98 16.08
N HIS B 185 19.15 21.49 16.64
CA HIS B 185 20.43 20.74 16.62
C HIS B 185 21.23 20.83 17.94
N SER B 186 21.77 19.73 18.44
CA SER B 186 22.62 19.79 19.59
C SER B 186 23.70 18.78 19.45
N VAL B 187 24.90 19.10 19.96
CA VAL B 187 26.03 18.21 19.86
C VAL B 187 26.31 17.87 21.28
N LEU B 188 26.41 16.58 21.58
CA LEU B 188 26.53 16.16 22.92
C LEU B 188 27.62 15.13 22.94
N PHE B 189 27.98 14.63 24.11
CA PHE B 189 29.13 13.73 24.15
C PHE B 189 28.79 12.65 25.12
N TYR B 190 29.10 11.42 24.74
CA TYR B 190 28.93 10.23 25.56
C TYR B 190 30.17 9.95 26.45
N LYS C 1 -42.69 8.60 -6.26
CA LYS C 1 -41.37 8.51 -5.68
C LYS C 1 -41.54 8.21 -4.15
N LEU C 2 -40.74 7.25 -3.64
CA LEU C 2 -40.68 7.10 -2.17
C LEU C 2 -39.80 8.17 -1.47
N ALA C 3 -39.96 8.24 -0.17
CA ALA C 3 -39.34 9.26 0.65
C ALA C 3 -38.40 8.48 1.50
N VAL C 4 -37.14 8.83 1.46
CA VAL C 4 -36.09 8.03 2.11
C VAL C 4 -35.30 8.99 2.95
N ALA C 5 -34.84 8.54 4.12
CA ALA C 5 -33.87 9.26 4.88
C ALA C 5 -32.69 8.32 5.04
N VAL C 6 -31.51 8.87 5.21
CA VAL C 6 -30.30 8.09 5.50
C VAL C 6 -29.70 8.77 6.67
N VAL C 7 -29.20 8.01 7.66
CA VAL C 7 -28.88 8.56 8.95
C VAL C 7 -27.55 8.00 9.33
N CYS C 8 -26.59 8.83 9.78
CA CYS C 8 -25.45 8.34 10.53
C CYS C 8 -25.42 8.98 11.95
N SER C 9 -24.23 9.25 12.48
CA SER C 9 -24.18 9.84 13.78
C SER C 9 -24.09 11.40 13.75
N SER C 10 -23.09 11.89 13.02
CA SER C 10 -22.94 13.35 12.89
C SER C 10 -23.60 14.04 11.65
N ASN C 11 -24.09 13.27 10.66
CA ASN C 11 -24.72 13.80 9.46
C ASN C 11 -23.66 14.70 8.78
N MET C 12 -22.46 14.16 8.74
CA MET C 12 -21.37 14.86 8.10
C MET C 12 -20.81 14.01 6.86
N ASN C 13 -20.54 12.72 7.06
CA ASN C 13 -19.75 11.91 6.08
C ASN C 13 -20.67 10.83 5.44
N ARG C 14 -20.90 9.64 6.10
CA ARG C 14 -21.63 8.55 5.45
C ARG C 14 -23.02 8.93 4.94
N SER C 15 -23.83 9.58 5.77
CA SER C 15 -25.15 9.95 5.33
C SER C 15 -25.22 11.03 4.28
N MET C 16 -24.16 11.82 4.17
CA MET C 16 -24.10 12.98 3.22
C MET C 16 -23.60 12.45 1.86
N GLU C 17 -22.55 11.68 1.83
CA GLU C 17 -22.25 10.94 0.62
C GLU C 17 -23.45 10.12 0.04
N ALA C 18 -24.14 9.40 0.88
CA ALA C 18 -25.36 8.72 0.46
C ALA C 18 -26.54 9.64 0.01
N HIS C 19 -26.78 10.71 0.75
CA HIS C 19 -27.77 11.75 0.31
C HIS C 19 -27.40 12.29 -1.08
N ASN C 20 -26.14 12.60 -1.30
CA ASN C 20 -25.62 12.98 -2.61
C ASN C 20 -25.86 11.97 -3.78
N PHE C 21 -25.37 10.74 -3.64
CA PHE C 21 -25.81 9.73 -4.62
C PHE C 21 -27.27 9.60 -4.87
N LEU C 22 -28.00 9.51 -3.78
CA LEU C 22 -29.44 9.31 -3.90
C LEU C 22 -30.04 10.51 -4.59
N ALA C 23 -29.60 11.73 -4.26
CA ALA C 23 -30.20 12.87 -4.91
C ALA C 23 -29.81 12.86 -6.36
N LYS C 24 -28.50 12.73 -6.69
CA LYS C 24 -28.09 12.56 -8.15
C LYS C 24 -28.99 11.58 -8.91
N LYS C 25 -29.36 10.50 -8.25
CA LYS C 25 -30.08 9.46 -8.97
C LYS C 25 -31.61 9.63 -9.03
N GLY C 26 -32.09 10.73 -8.48
CA GLY C 26 -33.44 11.13 -8.71
C GLY C 26 -34.31 11.04 -7.48
N PHE C 27 -33.80 10.41 -6.40
CA PHE C 27 -34.72 10.18 -5.27
C PHE C 27 -34.88 11.39 -4.44
N ASN C 28 -36.01 11.36 -3.83
CA ASN C 28 -36.42 12.19 -2.75
C ASN C 28 -35.74 11.77 -1.41
N VAL C 29 -34.63 12.39 -1.08
CA VAL C 29 -33.95 11.94 0.13
C VAL C 29 -33.62 13.09 1.12
N ARG C 30 -33.65 12.78 2.43
CA ARG C 30 -33.07 13.66 3.48
C ARG C 30 -32.14 12.88 4.31
N SER C 31 -31.32 13.61 5.05
CA SER C 31 -30.31 12.97 5.83
C SER C 31 -30.22 13.62 7.19
N TYR C 32 -29.75 12.85 8.17
CA TYR C 32 -29.77 13.21 9.56
C TYR C 32 -28.64 12.51 10.27
N GLY C 33 -28.50 12.89 11.55
CA GLY C 33 -27.50 12.38 12.50
C GLY C 33 -28.31 12.02 13.73
N THR C 34 -27.89 11.02 14.45
CA THR C 34 -28.58 10.59 15.65
C THR C 34 -27.80 11.06 16.90
N GLY C 35 -26.59 11.54 16.67
CA GLY C 35 -25.72 11.94 17.77
C GLY C 35 -26.37 13.03 18.63
N GLU C 36 -25.80 13.22 19.82
CA GLU C 36 -26.26 14.30 20.71
C GLU C 36 -25.81 15.64 20.03
N ARG C 37 -24.52 15.68 19.64
CA ARG C 37 -24.02 16.73 18.75
C ARG C 37 -23.20 16.26 17.52
N VAL C 38 -22.76 17.20 16.68
CA VAL C 38 -21.89 16.94 15.56
C VAL C 38 -20.47 16.92 16.05
N LYS C 39 -19.75 15.81 15.90
CA LYS C 39 -18.33 15.72 16.19
C LYS C 39 -17.38 15.29 15.07
N LEU C 40 -16.22 15.89 15.10
CA LEU C 40 -15.24 15.85 14.04
C LEU C 40 -13.91 15.83 14.74
N PRO C 41 -13.12 14.80 14.46
CA PRO C 41 -11.86 14.52 15.19
C PRO C 41 -10.86 15.63 15.00
N GLY C 42 -9.93 15.84 15.94
CA GLY C 42 -8.80 16.73 15.68
C GLY C 42 -7.37 16.56 16.24
N MET C 43 -6.70 15.46 15.90
CA MET C 43 -5.38 15.10 16.48
C MET C 43 -5.69 14.14 17.63
N ALA C 44 -5.23 12.88 17.55
CA ALA C 44 -5.93 11.71 18.18
C ALA C 44 -5.97 11.48 19.72
N PHE C 45 -5.21 12.33 20.44
CA PHE C 45 -5.37 12.43 21.91
C PHE C 45 -6.02 13.73 22.34
N ASP C 46 -6.48 14.49 21.33
CA ASP C 46 -7.26 15.73 21.49
C ASP C 46 -8.76 15.71 21.32
N LYS C 47 -9.43 16.39 22.24
CA LYS C 47 -10.88 16.51 22.21
C LYS C 47 -11.38 16.93 20.87
N PRO C 48 -12.44 16.26 20.43
CA PRO C 48 -13.16 16.45 19.18
C PRO C 48 -13.65 17.89 18.98
N ASN C 49 -13.78 18.33 17.74
CA ASN C 49 -14.47 19.58 17.51
C ASN C 49 -15.91 19.24 17.55
N VAL C 50 -16.68 19.96 18.34
CA VAL C 50 -18.07 19.61 18.55
C VAL C 50 -18.96 20.82 18.23
N TYR C 51 -20.17 20.60 17.71
CA TYR C 51 -21.07 21.69 17.32
C TYR C 51 -22.48 21.23 17.45
N GLU C 52 -23.39 22.15 17.57
CA GLU C 52 -24.77 21.77 17.75
C GLU C 52 -25.45 21.56 16.41
N PHE C 53 -26.36 20.58 16.33
CA PHE C 53 -27.03 20.37 15.05
C PHE C 53 -27.62 21.71 14.70
N GLY C 54 -27.65 22.10 13.43
CA GLY C 54 -28.04 23.44 13.13
C GLY C 54 -26.95 24.47 12.81
N THR C 55 -25.75 24.33 13.34
CA THR C 55 -24.62 25.15 12.87
C THR C 55 -24.34 24.92 11.34
N LYS C 56 -24.41 25.97 10.52
CA LYS C 56 -24.08 25.84 9.11
C LYS C 56 -22.75 25.10 8.74
N TYR C 57 -22.82 24.19 7.78
CA TYR C 57 -21.57 23.57 7.38
C TYR C 57 -20.58 24.68 7.15
N GLU C 58 -21.05 25.75 6.53
CA GLU C 58 -20.18 26.94 6.28
C GLU C 58 -19.37 27.45 7.55
N ASP C 59 -20.05 27.58 8.68
CA ASP C 59 -19.41 28.00 9.92
C ASP C 59 -18.45 26.96 10.46
N ILE C 60 -18.75 25.68 10.26
CA ILE C 60 -17.86 24.71 10.82
C ILE C 60 -16.54 24.82 10.11
N TYR C 61 -16.64 25.15 8.84
CA TYR C 61 -15.53 25.22 7.89
C TYR C 61 -14.60 26.36 8.24
N ARG C 62 -15.18 27.50 8.55
CA ARG C 62 -14.30 28.61 8.87
C ARG C 62 -13.67 28.34 10.24
N ASP C 63 -14.49 27.80 11.14
CA ASP C 63 -13.96 27.58 12.46
C ASP C 63 -12.79 26.61 12.42
N LEU C 64 -12.81 25.68 11.46
CA LEU C 64 -11.70 24.75 11.35
C LEU C 64 -10.52 25.39 10.66
N GLU C 65 -10.73 25.97 9.48
CA GLU C 65 -9.68 26.73 8.78
C GLU C 65 -8.90 27.68 9.74
N SER C 66 -9.66 28.43 10.51
CA SER C 66 -9.13 29.15 11.66
C SER C 66 -8.13 28.35 12.47
N LYS C 67 -8.50 27.18 12.99
CA LYS C 67 -7.63 26.44 13.93
C LYS C 67 -6.35 25.94 13.29
N ASP C 68 -6.44 25.27 12.14
CA ASP C 68 -5.24 24.71 11.50
C ASP C 68 -5.59 24.40 10.07
N LYS C 69 -5.42 25.35 9.17
CA LYS C 69 -5.93 25.19 7.84
C LYS C 69 -5.29 24.01 7.22
N GLU C 70 -4.03 23.82 7.55
CA GLU C 70 -3.26 22.63 7.13
C GLU C 70 -3.83 21.25 7.46
N PHE C 71 -4.07 21.07 8.74
CA PHE C 71 -4.41 19.80 9.29
C PHE C 71 -5.77 19.38 8.74
N TYR C 72 -6.68 20.35 8.69
CA TYR C 72 -8.08 20.13 8.33
C TYR C 72 -8.37 20.08 6.82
N THR C 73 -7.36 20.50 6.07
CA THR C 73 -7.28 20.28 4.63
C THR C 73 -6.60 18.91 4.39
N GLN C 74 -5.59 18.58 5.18
CA GLN C 74 -4.99 17.25 5.01
C GLN C 74 -5.96 16.16 5.31
N ASN C 75 -6.79 16.35 6.33
CA ASN C 75 -7.55 15.17 6.74
C ASN C 75 -8.91 15.04 6.05
N GLY C 76 -9.11 15.83 4.97
CA GLY C 76 -10.33 15.80 4.17
C GLY C 76 -11.59 16.49 4.71
N LEU C 77 -11.49 17.00 5.94
CA LEU C 77 -12.65 17.55 6.58
C LEU C 77 -13.18 18.76 5.85
N LEU C 78 -12.25 19.57 5.31
CA LEU C 78 -12.62 20.81 4.71
C LEU C 78 -13.15 20.43 3.35
N HIS C 79 -12.50 19.49 2.70
CA HIS C 79 -13.15 18.98 1.49
C HIS C 79 -14.60 18.61 1.79
N MET C 80 -14.80 17.72 2.79
CA MET C 80 -16.14 17.20 3.12
C MET C 80 -17.15 18.30 3.47
N LEU C 81 -16.73 19.29 4.25
CA LEU C 81 -17.61 20.41 4.59
C LEU C 81 -18.04 21.18 3.35
N ASP C 82 -17.11 21.48 2.48
CA ASP C 82 -17.46 22.07 1.21
C ASP C 82 -18.53 21.28 0.53
N ARG C 83 -18.32 19.96 0.44
CA ARG C 83 -19.26 19.12 -0.27
C ARG C 83 -20.60 19.17 0.40
N ASN C 84 -20.58 19.28 1.73
CA ASN C 84 -21.83 19.28 2.47
C ASN C 84 -22.64 20.57 2.29
N ARG C 85 -21.92 21.71 2.30
CA ARG C 85 -22.41 23.05 1.98
C ARG C 85 -23.27 23.04 0.66
N ARG C 86 -22.73 22.35 -0.33
CA ARG C 86 -23.43 22.22 -1.63
C ARG C 86 -24.70 21.39 -1.58
N ILE C 87 -24.91 20.59 -0.53
CA ILE C 87 -26.20 19.85 -0.44
C ILE C 87 -27.26 20.57 0.42
N LYS C 88 -26.93 21.03 1.62
CA LYS C 88 -27.96 21.69 2.38
C LYS C 88 -27.20 22.62 3.35
N LYS C 89 -27.94 23.43 4.08
CA LYS C 89 -27.34 24.39 4.98
C LYS C 89 -26.52 23.87 6.15
N CYS C 90 -27.06 22.85 6.84
CA CYS C 90 -26.56 22.42 8.14
C CYS C 90 -26.91 20.97 8.52
N PRO C 91 -26.15 20.40 9.46
CA PRO C 91 -26.59 19.06 9.80
C PRO C 91 -27.88 19.07 10.63
N GLU C 92 -28.73 18.05 10.40
CA GLU C 92 -30.01 17.93 11.09
C GLU C 92 -30.04 16.67 11.91
N ARG C 93 -30.60 16.76 13.13
CA ARG C 93 -30.69 15.67 14.05
C ARG C 93 -32.01 14.90 13.90
N PHE C 94 -31.83 13.60 13.84
CA PHE C 94 -32.93 12.75 13.46
C PHE C 94 -34.07 12.90 14.45
N GLN C 95 -33.73 12.84 15.72
CA GLN C 95 -34.76 12.91 16.74
C GLN C 95 -35.67 14.18 16.72
N ASP C 96 -35.36 15.18 15.88
CA ASP C 96 -36.02 16.47 15.95
C ASP C 96 -36.80 16.71 14.73
N THR C 97 -36.69 15.83 13.79
CA THR C 97 -37.38 16.08 12.57
C THR C 97 -38.82 15.64 12.68
N LYS C 98 -39.69 16.21 11.87
CA LYS C 98 -41.08 15.86 11.95
C LYS C 98 -41.41 15.31 10.58
N GLU C 99 -40.40 15.35 9.71
CA GLU C 99 -40.48 14.62 8.48
C GLU C 99 -40.68 13.10 8.67
N GLN C 100 -41.32 12.53 7.67
CA GLN C 100 -41.83 11.23 7.63
C GLN C 100 -41.43 10.56 6.31
N PHE C 101 -41.12 9.28 6.41
CA PHE C 101 -40.51 8.58 5.28
C PHE C 101 -41.18 7.24 5.09
N ASP C 102 -41.04 6.76 3.86
CA ASP C 102 -41.23 5.38 3.62
C ASP C 102 -40.09 4.44 4.18
N ILE C 103 -38.82 4.85 4.02
CA ILE C 103 -37.72 4.04 4.42
C ILE C 103 -36.67 4.89 5.11
N ILE C 104 -36.21 4.44 6.25
CA ILE C 104 -35.04 5.06 6.79
C ILE C 104 -33.85 4.11 6.77
N VAL C 105 -32.70 4.55 6.26
CA VAL C 105 -31.59 3.67 6.19
C VAL C 105 -30.61 4.21 7.16
N THR C 106 -30.17 3.37 8.12
CA THR C 106 -29.07 3.69 8.98
C THR C 106 -27.77 2.96 8.56
N VAL C 107 -26.60 3.45 8.99
CA VAL C 107 -25.32 2.98 8.48
C VAL C 107 -24.47 2.21 9.50
N GLU C 108 -24.96 1.97 10.70
CA GLU C 108 -24.35 1.07 11.67
C GLU C 108 -25.28 0.83 12.86
N GLU C 109 -24.96 -0.15 13.66
CA GLU C 109 -25.88 -0.70 14.68
C GLU C 109 -26.33 0.26 15.81
N ARG C 110 -25.36 0.98 16.38
CA ARG C 110 -25.73 2.12 17.25
C ARG C 110 -26.75 3.08 16.67
N VAL C 111 -26.63 3.42 15.40
CA VAL C 111 -27.48 4.41 14.91
C VAL C 111 -28.86 3.76 14.69
N TYR C 112 -28.82 2.54 14.19
CA TYR C 112 -30.12 1.86 13.93
C TYR C 112 -30.87 1.72 15.26
N ASP C 113 -30.19 1.34 16.34
CA ASP C 113 -30.84 1.26 17.65
C ASP C 113 -31.43 2.53 18.13
N LEU C 114 -30.76 3.63 17.83
CA LEU C 114 -31.17 4.93 18.39
C LEU C 114 -32.37 5.36 17.61
N VAL C 115 -32.33 5.15 16.30
CA VAL C 115 -33.45 5.54 15.50
C VAL C 115 -34.77 4.80 15.90
N VAL C 116 -34.66 3.50 16.13
CA VAL C 116 -35.81 2.63 16.34
C VAL C 116 -36.31 2.90 17.78
N MET C 117 -35.42 3.11 18.74
CA MET C 117 -35.92 3.50 20.01
C MET C 117 -36.62 4.82 19.96
N HIS C 118 -36.14 5.75 19.16
CA HIS C 118 -36.81 7.00 19.07
C HIS C 118 -38.17 6.86 18.43
N MET C 119 -38.30 6.18 17.28
CA MET C 119 -39.68 6.05 16.76
C MET C 119 -40.68 5.22 17.64
N GLU C 120 -40.13 4.28 18.41
CA GLU C 120 -40.90 3.42 19.33
C GLU C 120 -41.47 4.23 20.50
N SER C 121 -40.80 5.32 20.87
CA SER C 121 -41.15 6.17 22.01
C SER C 121 -42.23 7.14 21.52
N MET C 122 -42.39 7.23 20.21
CA MET C 122 -43.37 8.14 19.69
C MET C 122 -44.64 7.34 19.44
N GLU C 123 -45.68 7.77 20.09
CA GLU C 123 -46.92 7.05 19.99
C GLU C 123 -47.43 7.24 18.56
N SER C 124 -47.89 6.14 17.97
CA SER C 124 -48.30 6.10 16.58
C SER C 124 -49.68 6.70 16.50
N VAL C 125 -49.92 7.51 15.50
CA VAL C 125 -51.15 8.25 15.46
C VAL C 125 -51.88 7.77 14.21
N ASP C 126 -51.15 7.58 13.09
CA ASP C 126 -51.75 7.22 11.79
C ASP C 126 -51.67 5.76 11.38
N ASN C 127 -51.07 4.94 12.25
CA ASN C 127 -50.42 3.72 11.75
C ASN C 127 -49.96 3.77 10.25
N ARG C 128 -49.13 4.79 9.92
CA ARG C 128 -48.38 4.83 8.63
C ARG C 128 -47.06 4.16 8.89
N PRO C 129 -46.91 2.99 8.31
CA PRO C 129 -45.84 1.99 8.57
C PRO C 129 -44.55 2.50 7.96
N VAL C 130 -43.44 2.47 8.65
CA VAL C 130 -42.25 2.92 7.95
C VAL C 130 -41.15 1.87 8.16
N HIS C 131 -40.31 1.63 7.18
CA HIS C 131 -39.24 0.64 7.38
C HIS C 131 -37.86 1.21 7.63
N VAL C 132 -37.25 0.69 8.66
CA VAL C 132 -35.93 1.13 9.08
C VAL C 132 -35.01 -0.06 8.71
N LEU C 133 -34.01 0.19 7.85
CA LEU C 133 -33.05 -0.75 7.40
C LEU C 133 -31.60 -0.33 7.80
N ASN C 134 -30.85 -1.26 8.42
CA ASN C 134 -29.43 -1.01 8.66
C ASN C 134 -28.55 -1.63 7.52
N VAL C 135 -27.80 -0.80 6.84
CA VAL C 135 -26.73 -1.20 5.96
C VAL C 135 -25.39 -0.67 6.52
N ASP C 136 -24.51 -1.54 6.99
CA ASP C 136 -23.26 -1.14 7.64
C ASP C 136 -22.34 -0.35 6.68
N VAL C 137 -21.88 0.83 7.08
CA VAL C 137 -20.73 1.41 6.42
C VAL C 137 -19.64 1.93 7.37
N VAL C 138 -18.37 1.67 7.03
CA VAL C 138 -17.23 2.24 7.77
C VAL C 138 -17.19 3.78 7.62
N ASP C 139 -16.92 4.42 8.72
CA ASP C 139 -16.80 5.84 8.76
C ASP C 139 -15.42 6.30 8.26
N ASN C 140 -15.17 6.19 6.96
CA ASN C 140 -14.09 6.98 6.32
C ASN C 140 -14.60 7.36 4.93
N ALA C 141 -13.89 8.25 4.23
CA ALA C 141 -14.48 8.86 3.02
C ALA C 141 -14.59 7.80 1.94
N GLU C 142 -13.71 6.79 2.04
CA GLU C 142 -13.64 5.75 1.03
C GLU C 142 -14.80 4.82 1.13
N ASP C 143 -14.98 4.16 2.30
CA ASP C 143 -16.20 3.40 2.53
C ASP C 143 -17.46 4.18 2.39
N ALA C 144 -17.47 5.42 2.82
CA ALA C 144 -18.68 6.22 2.60
C ALA C 144 -19.08 6.14 1.13
N LEU C 145 -18.10 6.27 0.19
CA LEU C 145 -18.39 6.15 -1.27
C LEU C 145 -19.02 4.83 -1.63
N MET C 146 -18.39 3.73 -1.23
CA MET C 146 -18.86 2.43 -1.49
C MET C 146 -20.21 2.13 -0.80
N GLY C 147 -20.39 2.56 0.46
CA GLY C 147 -21.69 2.35 1.07
C GLY C 147 -22.74 3.19 0.34
N ALA C 148 -22.36 4.34 -0.23
CA ALA C 148 -23.44 5.06 -0.92
C ALA C 148 -23.86 4.27 -2.15
N PHE C 149 -22.92 3.59 -2.80
CA PHE C 149 -23.39 2.82 -3.96
C PHE C 149 -24.33 1.68 -3.53
N VAL C 150 -24.00 0.96 -2.45
CA VAL C 150 -24.80 -0.18 -2.03
C VAL C 150 -26.18 0.24 -1.66
N ILE C 151 -26.22 1.32 -0.87
CA ILE C 151 -27.49 1.92 -0.42
C ILE C 151 -28.41 2.40 -1.58
N THR C 152 -27.78 3.07 -2.57
CA THR C 152 -28.51 3.53 -3.70
C THR C 152 -29.01 2.33 -4.51
N ASP C 153 -28.22 1.27 -4.60
CA ASP C 153 -28.65 -0.06 -5.20
C ASP C 153 -29.90 -0.60 -4.45
N MET C 154 -29.88 -0.54 -3.16
CA MET C 154 -30.96 -1.12 -2.41
C MET C 154 -32.28 -0.33 -2.62
N ILE C 155 -32.18 0.99 -2.58
CA ILE C 155 -33.37 1.80 -2.69
C ILE C 155 -33.89 1.80 -4.11
N ASN C 156 -33.02 1.95 -5.08
CA ASN C 156 -33.42 1.74 -6.46
C ASN C 156 -34.23 0.43 -6.75
N MET C 157 -33.88 -0.59 -6.04
CA MET C 157 -34.62 -1.85 -6.12
C MET C 157 -35.95 -1.76 -5.35
N MET C 158 -35.98 -1.08 -4.23
CA MET C 158 -37.27 -0.88 -3.51
C MET C 158 -38.38 0.04 -4.09
N ALA C 159 -37.93 1.09 -4.76
CA ALA C 159 -38.73 1.95 -5.62
C ALA C 159 -39.44 1.19 -6.78
N LYS C 160 -39.00 -0.03 -7.14
CA LYS C 160 -39.73 -0.76 -8.20
C LYS C 160 -41.04 -1.27 -7.65
N SER C 161 -41.15 -1.29 -6.33
CA SER C 161 -42.29 -1.93 -5.73
C SER C 161 -43.56 -1.04 -5.73
N THR C 162 -44.74 -1.68 -5.88
CA THR C 162 -45.98 -0.96 -5.70
C THR C 162 -46.77 -1.49 -4.55
N ASP C 163 -46.33 -2.58 -3.89
CA ASP C 163 -46.91 -2.96 -2.58
C ASP C 163 -45.77 -3.30 -1.62
N LEU C 164 -45.05 -2.24 -1.26
CA LEU C 164 -43.76 -2.30 -0.60
C LEU C 164 -43.85 -3.08 0.67
N ASP C 165 -44.81 -2.80 1.52
CA ASP C 165 -44.86 -3.51 2.78
C ASP C 165 -45.07 -4.99 2.65
N ASN C 166 -45.61 -5.41 1.50
CA ASN C 166 -45.88 -6.84 1.31
C ASN C 166 -44.71 -7.45 0.61
N ASP C 167 -43.98 -6.66 -0.14
CA ASP C 167 -43.02 -7.33 -0.87
C ASP C 167 -41.54 -7.01 -0.46
N ILE C 168 -41.39 -6.19 0.57
CA ILE C 168 -40.08 -5.76 1.04
C ILE C 168 -39.21 -6.88 1.75
N ASP C 169 -39.72 -7.63 2.65
CA ASP C 169 -38.98 -8.75 3.15
C ASP C 169 -38.32 -9.63 2.12
N GLU C 170 -38.99 -9.85 1.01
CA GLU C 170 -38.38 -10.68 0.02
C GLU C 170 -37.24 -9.93 -0.71
N LEU C 171 -37.41 -8.66 -0.98
CA LEU C 171 -36.36 -7.91 -1.70
C LEU C 171 -35.08 -7.82 -0.88
N ILE C 172 -35.23 -7.73 0.41
CA ILE C 172 -34.09 -7.73 1.27
C ILE C 172 -33.29 -9.01 1.18
N GLN C 173 -33.94 -10.13 1.35
CA GLN C 173 -33.22 -11.37 1.08
C GLN C 173 -32.52 -11.42 -0.26
N GLU C 174 -33.15 -10.97 -1.37
CA GLU C 174 -32.43 -11.12 -2.67
C GLU C 174 -31.30 -10.20 -2.67
N PHE C 175 -31.43 -9.21 -1.83
CA PHE C 175 -30.42 -8.20 -1.84
C PHE C 175 -29.21 -8.65 -0.99
N GLU C 176 -29.49 -9.27 0.14
CA GLU C 176 -28.49 -9.77 1.03
C GLU C 176 -27.72 -10.82 0.29
N GLU C 177 -28.42 -11.66 -0.46
CA GLU C 177 -27.80 -12.65 -1.32
C GLU C 177 -26.88 -12.12 -2.39
N ARG C 178 -27.35 -11.15 -3.22
CA ARG C 178 -26.55 -10.58 -4.27
C ARG C 178 -25.26 -9.87 -3.69
N ARG C 179 -25.49 -9.06 -2.65
CA ARG C 179 -24.48 -8.20 -2.06
C ARG C 179 -23.67 -8.82 -0.97
N LYS C 180 -24.16 -9.88 -0.32
CA LYS C 180 -23.42 -10.51 0.74
C LYS C 180 -23.19 -9.72 2.02
N ARG C 181 -24.29 -9.17 2.53
CA ARG C 181 -24.38 -8.32 3.76
C ARG C 181 -25.63 -8.69 4.49
N VAL C 182 -25.69 -8.32 5.76
CA VAL C 182 -26.88 -8.45 6.54
C VAL C 182 -27.56 -7.06 6.52
N ILE C 183 -28.89 -7.01 6.29
CA ILE C 183 -29.68 -5.79 6.40
C ILE C 183 -30.68 -5.99 7.50
N LEU C 184 -30.40 -5.47 8.72
CA LEU C 184 -31.37 -5.46 9.79
C LEU C 184 -32.58 -4.67 9.35
N HIS C 185 -33.78 -5.14 9.80
CA HIS C 185 -35.13 -4.57 9.45
C HIS C 185 -36.16 -4.43 10.57
N SER C 186 -36.67 -3.21 10.74
CA SER C 186 -37.75 -2.98 11.65
C SER C 186 -38.85 -2.25 10.94
N VAL C 187 -40.06 -2.55 11.40
CA VAL C 187 -41.27 -1.91 10.85
C VAL C 187 -41.75 -1.14 12.01
N LEU C 188 -41.82 0.19 11.89
CA LEU C 188 -42.51 1.02 12.87
C LEU C 188 -43.66 1.78 12.18
N PHE C 189 -44.18 2.76 12.94
CA PHE C 189 -45.49 3.33 12.70
C PHE C 189 -45.54 4.76 13.14
N TYR C 190 -45.86 5.60 12.18
CA TYR C 190 -46.08 6.99 12.40
C TYR C 190 -47.53 7.22 12.93
N LYS D 1 32.81 -9.51 7.20
CA LYS D 1 31.80 -10.36 6.54
C LYS D 1 32.02 -10.40 5.00
N LEU D 2 32.18 -11.61 4.47
CA LEU D 2 32.49 -11.89 3.06
C LEU D 2 31.27 -12.13 2.15
N ALA D 3 31.49 -12.96 1.12
CA ALA D 3 30.62 -12.90 -0.05
C ALA D 3 30.40 -14.18 -0.82
N VAL D 4 29.12 -14.52 -0.99
CA VAL D 4 28.75 -15.86 -1.40
C VAL D 4 27.73 -15.90 -2.51
N ALA D 5 27.87 -16.88 -3.40
CA ALA D 5 26.90 -17.25 -4.39
C ALA D 5 26.29 -18.62 -4.00
N VAL D 6 24.98 -18.83 -4.24
CA VAL D 6 24.41 -20.21 -4.20
C VAL D 6 23.84 -20.48 -5.55
N VAL D 7 23.92 -21.71 -6.10
CA VAL D 7 23.57 -21.95 -7.50
C VAL D 7 22.91 -23.25 -7.67
N CYS D 8 21.79 -23.22 -8.39
CA CYS D 8 21.12 -24.46 -8.64
C CYS D 8 21.01 -24.47 -10.14
N SER D 9 19.96 -25.02 -10.69
CA SER D 9 19.80 -24.99 -12.12
C SER D 9 18.76 -23.92 -12.72
N SER D 10 17.56 -23.81 -12.19
CA SER D 10 16.68 -22.78 -12.70
C SER D 10 17.01 -21.87 -11.55
N ASN D 11 16.63 -20.67 -11.39
CA ASN D 11 17.24 -20.16 -10.12
C ASN D 11 16.00 -19.86 -9.32
N MET D 12 15.33 -20.94 -8.93
CA MET D 12 13.94 -20.96 -8.42
C MET D 12 13.75 -21.52 -7.02
N ASN D 13 14.31 -22.72 -6.76
CA ASN D 13 13.97 -23.45 -5.53
C ASN D 13 15.09 -23.55 -4.58
N ARG D 14 15.95 -24.56 -4.76
CA ARG D 14 17.11 -24.68 -3.89
C ARG D 14 17.92 -23.46 -3.60
N SER D 15 18.43 -22.76 -4.64
CA SER D 15 19.30 -21.58 -4.43
C SER D 15 18.51 -20.48 -3.83
N MET D 16 17.26 -20.36 -4.24
CA MET D 16 16.48 -19.21 -3.64
C MET D 16 16.18 -19.35 -2.14
N GLU D 17 15.91 -20.58 -1.68
CA GLU D 17 15.77 -20.89 -0.25
C GLU D 17 17.05 -20.71 0.55
N ALA D 18 18.19 -21.20 0.01
CA ALA D 18 19.50 -20.80 0.61
C ALA D 18 19.77 -19.27 0.65
N HIS D 19 19.43 -18.62 -0.46
CA HIS D 19 19.66 -17.18 -0.66
C HIS D 19 18.92 -16.49 0.43
N ASN D 20 17.65 -16.88 0.58
CA ASN D 20 16.78 -16.25 1.62
C ASN D 20 17.33 -16.41 3.06
N PHE D 21 17.60 -17.67 3.43
CA PHE D 21 18.20 -17.96 4.71
C PHE D 21 19.52 -17.22 4.99
N LEU D 22 20.48 -17.31 4.04
CA LEU D 22 21.76 -16.62 4.20
C LEU D 22 21.51 -15.11 4.16
N ALA D 23 20.56 -14.64 3.36
CA ALA D 23 20.35 -13.23 3.42
C ALA D 23 19.89 -12.88 4.79
N LYS D 24 19.04 -13.66 5.44
CA LYS D 24 18.44 -13.17 6.70
C LYS D 24 19.44 -13.18 7.88
N LYS D 25 20.52 -13.94 7.71
CA LYS D 25 21.57 -14.07 8.71
C LYS D 25 22.62 -12.94 8.64
N GLY D 26 22.60 -12.16 7.53
CA GLY D 26 23.42 -10.95 7.35
C GLY D 26 24.60 -11.20 6.41
N PHE D 27 24.37 -11.87 5.33
CA PHE D 27 25.50 -12.27 4.54
C PHE D 27 25.26 -11.65 3.20
N ASN D 28 26.38 -11.49 2.49
CA ASN D 28 26.36 -10.89 1.20
C ASN D 28 26.21 -11.94 0.20
N VAL D 29 25.01 -12.14 -0.31
CA VAL D 29 24.70 -13.42 -1.02
C VAL D 29 23.95 -13.12 -2.29
N ARG D 30 24.10 -14.01 -3.29
CA ARG D 30 23.52 -13.82 -4.57
C ARG D 30 23.23 -15.16 -5.09
N SER D 31 22.42 -15.29 -6.10
CA SER D 31 22.08 -16.65 -6.39
C SER D 31 21.83 -16.76 -7.86
N TYR D 32 21.98 -17.95 -8.43
CA TYR D 32 22.03 -18.09 -9.88
C TYR D 32 21.53 -19.41 -10.26
N GLY D 33 21.32 -19.63 -11.56
CA GLY D 33 20.89 -20.92 -12.08
C GLY D 33 21.91 -21.23 -13.17
N THR D 34 22.12 -22.49 -13.55
CA THR D 34 23.08 -22.82 -14.60
C THR D 34 22.39 -23.36 -15.83
N GLY D 35 21.12 -23.68 -15.73
CA GLY D 35 20.34 -24.17 -16.89
C GLY D 35 20.46 -23.34 -18.18
N GLU D 36 19.76 -23.76 -19.22
CA GLU D 36 19.78 -23.03 -20.48
C GLU D 36 18.88 -21.89 -20.16
N ARG D 37 17.76 -22.35 -19.65
CA ARG D 37 16.55 -21.64 -19.48
C ARG D 37 16.08 -22.02 -18.08
N VAL D 38 15.05 -21.37 -17.59
CA VAL D 38 14.52 -21.61 -16.27
C VAL D 38 13.44 -22.62 -16.50
N LYS D 39 13.51 -23.79 -15.83
CA LYS D 39 12.35 -24.69 -15.97
C LYS D 39 11.59 -25.00 -14.67
N LEU D 40 10.28 -25.16 -14.84
CA LEU D 40 9.38 -25.38 -13.74
C LEU D 40 8.46 -26.47 -14.22
N PRO D 41 7.89 -27.20 -13.26
CA PRO D 41 7.02 -28.35 -13.55
C PRO D 41 5.71 -27.88 -14.15
N GLY D 42 5.11 -28.65 -15.07
CA GLY D 42 3.78 -28.36 -15.56
C GLY D 42 2.80 -29.51 -15.36
N MET D 43 1.78 -29.60 -16.23
CA MET D 43 0.66 -30.51 -16.05
C MET D 43 1.15 -31.97 -16.08
N ALA D 44 2.08 -32.26 -16.99
CA ALA D 44 2.77 -33.55 -17.06
C ALA D 44 4.28 -33.43 -17.07
N PHE D 45 4.89 -34.54 -16.68
CA PHE D 45 6.34 -34.69 -16.57
C PHE D 45 7.01 -34.23 -17.92
N ASP D 46 6.30 -34.46 -19.03
CA ASP D 46 6.78 -34.18 -20.38
C ASP D 46 7.04 -32.66 -20.67
N LYS D 47 6.05 -31.81 -20.31
CA LYS D 47 6.13 -30.35 -20.55
C LYS D 47 6.11 -29.46 -19.33
N PRO D 48 7.30 -29.18 -18.91
CA PRO D 48 7.65 -28.16 -17.97
C PRO D 48 7.28 -26.79 -18.64
N ASN D 49 6.94 -25.83 -17.79
CA ASN D 49 6.79 -24.43 -18.15
C ASN D 49 8.20 -23.97 -18.20
N VAL D 50 8.67 -23.49 -19.35
CA VAL D 50 10.08 -23.03 -19.46
C VAL D 50 10.22 -21.50 -19.76
N TYR D 51 11.28 -20.86 -19.29
CA TYR D 51 11.35 -19.41 -19.51
C TYR D 51 12.78 -19.05 -19.62
N GLU D 52 13.03 -17.87 -20.17
CA GLU D 52 14.33 -17.32 -20.31
C GLU D 52 14.70 -16.74 -18.98
N PHE D 53 15.99 -16.76 -18.60
CA PHE D 53 16.51 -15.93 -17.53
C PHE D 53 16.30 -14.42 -17.76
N GLY D 54 16.38 -13.68 -16.66
CA GLY D 54 15.79 -12.37 -16.59
C GLY D 54 14.29 -12.18 -16.78
N THR D 55 13.47 -13.19 -17.11
CA THR D 55 12.00 -13.03 -17.04
C THR D 55 11.65 -12.76 -15.54
N LYS D 56 10.75 -11.84 -15.17
CA LYS D 56 10.35 -11.63 -13.81
C LYS D 56 9.51 -12.81 -13.20
N TYR D 57 9.88 -13.12 -11.95
CA TYR D 57 9.07 -14.04 -11.17
C TYR D 57 7.62 -13.68 -11.28
N GLU D 58 7.30 -12.39 -11.14
CA GLU D 58 5.89 -11.91 -11.19
C GLU D 58 5.24 -12.11 -12.60
N ASP D 59 6.04 -12.16 -13.67
CA ASP D 59 5.50 -12.48 -14.96
C ASP D 59 5.33 -14.04 -15.15
N ILE D 60 6.27 -14.82 -14.58
CA ILE D 60 6.07 -16.28 -14.49
C ILE D 60 4.76 -16.54 -13.72
N TYR D 61 4.59 -15.77 -12.66
CA TYR D 61 3.49 -15.94 -11.75
C TYR D 61 2.17 -15.71 -12.52
N ARG D 62 2.05 -14.53 -13.13
CA ARG D 62 0.91 -14.10 -13.98
C ARG D 62 0.74 -15.27 -14.95
N ASP D 63 1.85 -15.70 -15.55
CA ASP D 63 1.73 -16.65 -16.65
C ASP D 63 1.09 -17.98 -16.08
N LEU D 64 1.53 -18.43 -14.92
CA LEU D 64 1.04 -19.72 -14.42
C LEU D 64 -0.44 -19.59 -13.99
N GLU D 65 -0.73 -18.44 -13.43
CA GLU D 65 -2.00 -18.25 -12.75
C GLU D 65 -3.06 -18.29 -13.78
N SER D 66 -2.74 -17.86 -14.98
CA SER D 66 -3.76 -17.82 -15.98
C SER D 66 -3.79 -19.17 -16.68
N LYS D 67 -2.71 -19.94 -16.63
CA LYS D 67 -2.82 -21.30 -17.23
C LYS D 67 -3.73 -22.19 -16.40
N ASP D 68 -3.53 -22.18 -15.10
CA ASP D 68 -4.33 -22.98 -14.21
C ASP D 68 -4.01 -22.66 -12.79
N LYS D 69 -4.73 -21.69 -12.26
CA LYS D 69 -4.44 -21.13 -10.96
C LYS D 69 -4.42 -22.21 -9.81
N GLU D 70 -5.40 -23.14 -9.85
CA GLU D 70 -5.45 -24.37 -8.96
C GLU D 70 -4.27 -25.27 -9.02
N PHE D 71 -3.99 -25.77 -10.21
CA PHE D 71 -2.79 -26.59 -10.37
C PHE D 71 -1.66 -26.02 -9.67
N TYR D 72 -1.30 -24.76 -9.98
CA TYR D 72 -0.04 -24.19 -9.54
C TYR D 72 -0.16 -23.59 -8.15
N THR D 73 -1.37 -23.44 -7.65
CA THR D 73 -1.41 -23.28 -6.17
C THR D 73 -1.04 -24.60 -5.41
N GLN D 74 -1.68 -25.72 -5.81
CA GLN D 74 -1.56 -27.09 -5.16
C GLN D 74 -0.11 -27.57 -5.15
N ASN D 75 0.62 -27.31 -6.24
CA ASN D 75 2.01 -27.82 -6.29
C ASN D 75 2.98 -26.79 -5.64
N GLY D 76 2.45 -25.71 -5.03
CA GLY D 76 3.36 -24.77 -4.36
C GLY D 76 4.35 -23.88 -5.22
N LEU D 77 4.24 -23.88 -6.56
CA LEU D 77 4.93 -22.93 -7.48
C LEU D 77 4.47 -21.45 -7.30
N LEU D 78 3.18 -21.23 -7.22
CA LEU D 78 2.71 -19.93 -6.94
C LEU D 78 3.31 -19.41 -5.65
N HIS D 79 3.43 -20.26 -4.66
CA HIS D 79 3.84 -19.75 -3.39
C HIS D 79 5.34 -19.42 -3.47
N MET D 80 6.08 -20.27 -4.16
CA MET D 80 7.52 -20.08 -4.34
C MET D 80 7.91 -18.78 -5.19
N LEU D 81 7.11 -18.52 -6.22
CA LEU D 81 7.27 -17.34 -7.08
C LEU D 81 7.13 -16.14 -6.14
N ASP D 82 6.18 -16.25 -5.29
CA ASP D 82 5.92 -15.21 -4.40
C ASP D 82 6.99 -14.93 -3.42
N ARG D 83 7.61 -15.99 -2.93
CA ARG D 83 8.81 -15.90 -2.05
C ARG D 83 10.01 -15.34 -2.83
N ASN D 84 10.19 -15.77 -4.07
CA ASN D 84 11.35 -15.32 -4.83
C ASN D 84 11.30 -13.79 -5.11
N ARG D 85 10.11 -13.30 -5.49
CA ARG D 85 9.79 -11.94 -5.81
C ARG D 85 10.12 -11.03 -4.65
N ARG D 86 9.90 -11.48 -3.43
CA ARG D 86 10.31 -10.68 -2.31
C ARG D 86 11.81 -10.66 -2.19
N ILE D 87 12.50 -11.63 -2.78
CA ILE D 87 13.94 -11.51 -2.67
C ILE D 87 14.56 -10.63 -3.84
N LYS D 88 14.05 -10.75 -5.08
CA LYS D 88 14.85 -10.36 -6.31
C LYS D 88 13.84 -10.23 -7.39
N LYS D 89 14.08 -9.44 -8.40
CA LYS D 89 13.07 -9.40 -9.44
C LYS D 89 12.96 -10.59 -10.41
N CYS D 90 14.08 -11.21 -10.68
CA CYS D 90 14.07 -12.27 -11.68
C CYS D 90 15.23 -13.25 -11.50
N PRO D 91 15.01 -14.47 -11.95
CA PRO D 91 16.11 -15.43 -11.94
C PRO D 91 17.26 -14.98 -12.84
N GLU D 92 18.50 -15.37 -12.50
CA GLU D 92 19.69 -14.95 -13.20
C GLU D 92 20.51 -16.18 -13.52
N ARG D 93 21.18 -16.17 -14.68
CA ARG D 93 22.11 -17.21 -15.09
C ARG D 93 23.59 -16.94 -14.58
N PHE D 94 24.19 -17.90 -13.89
CA PHE D 94 25.54 -17.65 -13.33
C PHE D 94 26.59 -17.37 -14.42
N GLN D 95 26.54 -18.14 -15.53
CA GLN D 95 27.40 -17.90 -16.70
C GLN D 95 27.46 -16.41 -17.09
N ASP D 96 26.29 -15.80 -17.30
CA ASP D 96 26.24 -14.37 -17.69
C ASP D 96 26.56 -13.32 -16.60
N THR D 97 26.89 -13.75 -15.39
CA THR D 97 27.14 -12.72 -14.38
C THR D 97 28.59 -12.28 -14.45
N LYS D 98 28.81 -10.99 -14.15
CA LYS D 98 30.18 -10.46 -13.99
C LYS D 98 30.46 -10.11 -12.53
N GLU D 99 29.76 -10.84 -11.66
CA GLU D 99 29.92 -10.69 -10.22
C GLU D 99 30.96 -11.71 -9.73
N GLN D 100 31.65 -11.38 -8.65
CA GLN D 100 32.69 -12.27 -8.18
C GLN D 100 32.54 -12.55 -6.69
N PHE D 101 32.80 -13.78 -6.33
CA PHE D 101 32.59 -14.22 -4.96
C PHE D 101 33.77 -14.99 -4.43
N ASP D 102 33.75 -15.07 -3.09
CA ASP D 102 34.66 -15.80 -2.22
C ASP D 102 34.33 -17.29 -2.17
N ILE D 103 33.05 -17.60 -1.91
CA ILE D 103 32.59 -19.00 -1.98
C ILE D 103 31.50 -19.15 -3.06
N ILE D 104 31.25 -20.34 -3.57
CA ILE D 104 30.20 -20.49 -4.56
C ILE D 104 29.54 -21.86 -4.49
N VAL D 105 28.38 -21.94 -3.86
CA VAL D 105 27.93 -23.26 -3.49
C VAL D 105 27.09 -23.80 -4.58
N THR D 106 27.30 -25.03 -5.03
CA THR D 106 26.42 -25.61 -6.04
C THR D 106 25.63 -26.61 -5.21
N VAL D 107 24.62 -27.28 -5.76
CA VAL D 107 23.72 -28.15 -5.00
C VAL D 107 23.35 -29.42 -5.76
N GLU D 108 23.93 -29.62 -6.94
CA GLU D 108 23.82 -30.88 -7.67
C GLU D 108 25.22 -31.07 -8.24
N GLU D 109 25.52 -32.21 -8.88
CA GLU D 109 26.90 -32.44 -9.34
C GLU D 109 27.06 -31.75 -10.67
N ARG D 110 26.02 -31.92 -11.48
CA ARG D 110 25.87 -31.25 -12.76
C ARG D 110 26.14 -29.75 -12.63
N VAL D 111 25.52 -29.12 -11.63
CA VAL D 111 25.67 -27.70 -11.49
C VAL D 111 27.10 -27.50 -11.14
N TYR D 112 27.64 -28.41 -10.35
CA TYR D 112 28.94 -28.13 -9.75
C TYR D 112 30.00 -27.97 -10.83
N ASP D 113 29.83 -28.81 -11.85
CA ASP D 113 30.70 -28.95 -12.98
C ASP D 113 30.56 -27.73 -13.84
N LEU D 114 29.31 -27.45 -14.24
CA LEU D 114 28.99 -26.26 -15.05
C LEU D 114 29.61 -25.02 -14.44
N VAL D 115 29.45 -24.86 -13.13
CA VAL D 115 30.09 -23.73 -12.52
C VAL D 115 31.55 -23.74 -12.81
N VAL D 116 32.15 -24.90 -12.60
CA VAL D 116 33.60 -25.05 -12.75
C VAL D 116 34.12 -24.72 -14.16
N MET D 117 33.58 -25.41 -15.18
CA MET D 117 33.74 -24.96 -16.56
C MET D 117 33.68 -23.43 -16.68
N HIS D 118 32.48 -22.88 -16.81
CA HIS D 118 32.46 -21.46 -16.87
C HIS D 118 33.61 -20.75 -16.12
N MET D 119 33.98 -21.20 -14.93
CA MET D 119 35.02 -20.51 -14.14
C MET D 119 36.42 -20.58 -14.84
N GLU D 120 36.58 -21.66 -15.62
CA GLU D 120 37.80 -22.02 -16.35
C GLU D 120 37.99 -21.33 -17.71
N SER D 121 37.09 -21.64 -18.64
CA SER D 121 37.05 -20.89 -19.90
C SER D 121 37.04 -19.35 -19.71
N MET D 122 36.83 -18.88 -18.48
CA MET D 122 37.17 -17.51 -18.12
C MET D 122 38.48 -17.63 -17.39
N GLU D 123 39.55 -17.78 -18.17
CA GLU D 123 40.88 -17.61 -17.61
C GLU D 123 41.09 -16.10 -17.44
N SER D 124 41.47 -15.68 -16.24
CA SER D 124 41.91 -14.31 -16.07
C SER D 124 43.06 -14.08 -15.14
N VAL D 125 43.76 -13.02 -15.45
CA VAL D 125 44.85 -12.59 -14.64
C VAL D 125 44.30 -11.70 -13.52
N ASP D 126 44.24 -12.28 -12.33
CA ASP D 126 43.98 -11.47 -11.16
C ASP D 126 44.39 -12.24 -9.90
N ASN D 127 44.61 -13.54 -10.13
CA ASN D 127 44.91 -14.54 -9.10
C ASN D 127 44.49 -14.23 -7.65
N ARG D 128 43.30 -13.66 -7.53
CA ARG D 128 42.53 -13.79 -6.31
C ARG D 128 41.65 -15.07 -6.41
N PRO D 129 41.62 -15.82 -5.32
CA PRO D 129 41.03 -17.15 -5.34
C PRO D 129 39.50 -17.09 -5.27
N VAL D 130 38.87 -18.24 -5.49
CA VAL D 130 37.44 -18.48 -5.23
C VAL D 130 37.14 -19.97 -5.12
N HIS D 131 36.60 -20.36 -3.96
CA HIS D 131 36.37 -21.77 -3.66
C HIS D 131 34.91 -22.16 -3.95
N VAL D 132 34.72 -23.04 -4.91
CA VAL D 132 33.46 -23.61 -5.33
C VAL D 132 33.18 -24.94 -4.59
N LEU D 133 31.97 -25.11 -3.99
CA LEU D 133 31.63 -26.31 -3.18
C LEU D 133 30.32 -26.96 -3.61
N ASN D 134 30.21 -28.28 -3.65
CA ASN D 134 28.92 -28.90 -3.95
C ASN D 134 28.35 -29.48 -2.71
N VAL D 135 27.03 -29.75 -2.73
CA VAL D 135 26.28 -30.18 -1.55
C VAL D 135 24.94 -30.71 -1.93
N ASP D 136 24.86 -31.91 -2.45
CA ASP D 136 23.60 -32.37 -3.02
C ASP D 136 22.37 -31.97 -2.23
N VAL D 137 21.44 -31.29 -2.92
CA VAL D 137 20.11 -31.12 -2.40
C VAL D 137 18.99 -31.61 -3.34
N VAL D 138 18.06 -32.42 -2.85
CA VAL D 138 17.02 -32.91 -3.76
C VAL D 138 16.14 -31.76 -4.21
N ASP D 139 15.77 -31.73 -5.47
CA ASP D 139 14.82 -30.70 -5.91
C ASP D 139 13.42 -30.81 -5.27
N ASN D 140 13.33 -30.41 -4.03
CA ASN D 140 12.01 -30.07 -3.62
C ASN D 140 12.03 -29.13 -2.47
N ALA D 141 10.81 -28.72 -2.15
CA ALA D 141 10.44 -27.91 -1.02
C ALA D 141 11.09 -28.32 0.31
N GLU D 142 10.82 -29.53 0.75
CA GLU D 142 11.30 -29.89 2.08
C GLU D 142 12.84 -29.95 2.06
N ASP D 143 13.37 -30.47 0.96
CA ASP D 143 14.82 -30.58 0.86
C ASP D 143 15.62 -29.30 0.66
N ALA D 144 15.06 -28.42 -0.19
CA ALA D 144 15.60 -27.07 -0.30
C ALA D 144 15.57 -26.44 1.07
N LEU D 145 14.54 -26.63 1.91
CA LEU D 145 14.68 -26.08 3.24
C LEU D 145 15.90 -26.67 4.03
N MET D 146 16.00 -27.99 3.99
CA MET D 146 17.05 -28.76 4.64
C MET D 146 18.37 -28.31 4.06
N GLY D 147 18.46 -28.32 2.70
CA GLY D 147 19.55 -27.62 1.99
C GLY D 147 19.99 -26.24 2.56
N ALA D 148 19.06 -25.31 2.82
CA ALA D 148 19.48 -24.02 3.30
C ALA D 148 19.98 -24.06 4.73
N PHE D 149 19.54 -25.04 5.50
CA PHE D 149 20.16 -25.16 6.81
C PHE D 149 21.62 -25.65 6.65
N VAL D 150 21.81 -26.70 5.87
CA VAL D 150 23.17 -27.27 5.76
C VAL D 150 24.18 -26.19 5.25
N ILE D 151 23.82 -25.53 4.11
CA ILE D 151 24.57 -24.40 3.56
C ILE D 151 24.82 -23.30 4.54
N THR D 152 23.84 -22.86 5.29
CA THR D 152 24.11 -21.75 6.19
C THR D 152 25.04 -22.12 7.31
N ASP D 153 24.86 -23.35 7.79
CA ASP D 153 25.73 -23.95 8.81
C ASP D 153 27.23 -23.74 8.46
N MET D 154 27.65 -24.42 7.41
CA MET D 154 28.94 -24.24 6.76
C MET D 154 29.44 -22.82 6.63
N ILE D 155 28.74 -22.03 5.84
CA ILE D 155 29.10 -20.62 5.76
C ILE D 155 29.13 -19.92 7.11
N ASN D 156 28.42 -20.37 8.14
CA ASN D 156 28.62 -19.64 9.38
C ASN D 156 29.94 -19.97 10.04
N MET D 157 30.47 -21.12 9.68
CA MET D 157 31.72 -21.63 10.20
C MET D 157 32.89 -20.86 9.62
N MET D 158 33.01 -20.95 8.30
CA MET D 158 34.00 -20.25 7.54
C MET D 158 34.09 -18.74 7.79
N ALA D 159 33.06 -18.09 8.35
CA ALA D 159 33.20 -16.67 8.67
C ALA D 159 34.03 -16.46 9.93
N LYS D 160 33.92 -17.37 10.90
CA LYS D 160 34.62 -17.24 12.19
C LYS D 160 36.16 -17.54 12.17
N SER D 161 36.59 -18.16 11.05
CA SER D 161 37.99 -18.22 10.61
C SER D 161 38.56 -16.82 10.27
N THR D 162 39.85 -16.79 9.85
CA THR D 162 40.61 -15.55 9.54
C THR D 162 41.75 -15.75 8.49
N ASP D 163 42.18 -17.00 8.32
CA ASP D 163 43.02 -17.31 7.18
C ASP D 163 42.24 -18.32 6.32
N LEU D 164 40.99 -17.98 6.09
CA LEU D 164 40.08 -18.81 5.31
C LEU D 164 40.81 -19.68 4.27
N ASP D 165 41.84 -19.15 3.64
CA ASP D 165 42.39 -19.86 2.51
C ASP D 165 43.10 -21.14 2.91
N ASN D 166 43.58 -21.21 4.14
CA ASN D 166 44.32 -22.40 4.59
C ASN D 166 43.45 -23.38 5.41
N ASP D 167 42.86 -22.87 6.50
CA ASP D 167 41.91 -23.67 7.29
C ASP D 167 40.79 -24.27 6.42
N ILE D 168 40.60 -23.71 5.23
CA ILE D 168 39.56 -24.14 4.30
C ILE D 168 39.42 -25.68 4.23
N ASP D 169 40.37 -26.35 3.55
CA ASP D 169 40.34 -27.81 3.29
C ASP D 169 40.25 -28.57 4.64
N GLU D 170 40.59 -27.83 5.70
CA GLU D 170 40.45 -28.20 7.11
C GLU D 170 38.99 -28.26 7.60
N LEU D 171 38.43 -27.06 7.84
CA LEU D 171 36.99 -26.81 8.11
C LEU D 171 36.09 -27.74 7.35
N ILE D 172 36.39 -27.86 6.07
CA ILE D 172 35.66 -28.75 5.20
C ILE D 172 35.75 -30.15 5.69
N GLN D 173 36.92 -30.53 6.18
CA GLN D 173 37.11 -31.83 6.82
C GLN D 173 36.18 -32.10 8.05
N GLU D 174 36.14 -31.16 9.00
CA GLU D 174 35.34 -31.26 10.24
C GLU D 174 33.89 -31.43 9.96
N PHE D 175 33.55 -31.09 8.73
CA PHE D 175 32.20 -30.79 8.35
C PHE D 175 31.52 -31.93 7.61
N GLU D 176 32.19 -32.57 6.65
CA GLU D 176 31.58 -33.75 5.98
C GLU D 176 31.56 -34.83 7.04
N GLU D 177 32.18 -34.45 8.15
CA GLU D 177 32.35 -35.25 9.35
C GLU D 177 31.06 -35.26 10.17
N ARG D 178 30.96 -34.18 10.95
CA ARG D 178 29.81 -33.85 11.75
C ARG D 178 28.48 -33.99 10.99
N ARG D 179 28.52 -34.05 9.67
CA ARG D 179 27.31 -33.95 8.88
C ARG D 179 27.03 -35.18 8.07
N LYS D 180 28.06 -35.85 7.60
CA LYS D 180 27.86 -37.02 6.77
C LYS D 180 27.59 -36.70 5.32
N ARG D 181 28.39 -35.79 4.74
CA ARG D 181 28.16 -35.39 3.35
C ARG D 181 29.44 -35.24 2.51
N VAL D 182 29.40 -35.81 1.28
CA VAL D 182 30.42 -35.58 0.22
C VAL D 182 30.25 -34.15 -0.21
N ILE D 183 31.28 -33.34 0.03
CA ILE D 183 31.28 -31.97 -0.37
C ILE D 183 32.33 -31.82 -1.45
N LEU D 184 32.00 -32.03 -2.72
CA LEU D 184 33.01 -31.81 -3.80
C LEU D 184 33.66 -30.41 -3.59
N HIS D 185 34.91 -30.22 -4.00
CA HIS D 185 35.62 -28.93 -3.75
C HIS D 185 36.60 -28.66 -4.85
N SER D 186 36.51 -27.46 -5.39
CA SER D 186 37.49 -26.96 -6.32
C SER D 186 38.02 -25.64 -5.84
N VAL D 187 39.19 -25.31 -6.38
CA VAL D 187 39.80 -24.01 -6.16
C VAL D 187 39.89 -23.31 -7.51
N LEU D 188 39.67 -22.00 -7.55
CA LEU D 188 39.54 -21.32 -8.83
C LEU D 188 39.97 -19.89 -8.72
N PHE D 189 40.09 -19.23 -9.88
CA PHE D 189 40.65 -17.89 -9.89
C PHE D 189 39.99 -16.85 -10.79
N TYR D 190 40.18 -15.59 -10.39
CA TYR D 190 39.49 -14.49 -11.05
C TYR D 190 40.38 -13.62 -11.96
V VO4 E . -12.06 1.70 -20.11
O1 VO4 E . -13.79 0.85 -20.42
O2 VO4 E . -12.71 2.95 -21.35
O3 VO4 E . -11.32 0.08 -20.95
O4 VO4 E . -12.56 1.44 -18.31
V VO4 F . 4.90 7.78 18.32
O1 VO4 F . 2.95 7.51 18.60
O2 VO4 F . 4.88 5.85 18.48
O3 VO4 F . 4.88 9.02 19.71
O4 VO4 F . 4.78 8.34 16.55
V VO4 G . -21.39 10.35 9.94
O1 VO4 G . -19.51 10.53 10.53
O2 VO4 G . -21.21 12.26 9.89
O3 VO4 G . -21.65 9.44 11.60
O4 VO4 G . -20.68 9.23 8.63
V VO4 H . 16.25 -25.21 -8.85
O1 VO4 H . 14.64 -26.05 -9.58
O2 VO4 H . 15.49 -23.52 -9.15
O3 VO4 H . 17.52 -25.99 -10.00
O4 VO4 H . 16.55 -25.45 -6.98
#